data_4JJZ
#
_entry.id   4JJZ
#
_cell.length_a   91.170
_cell.length_b   212.976
_cell.length_c   53.444
_cell.angle_alpha   90.00
_cell.angle_beta   90.00
_cell.angle_gamma   90.00
#
_symmetry.space_group_name_H-M   'P 21 21 2'
#
loop_
_entity.id
_entity.type
_entity.pdbx_description
1 polymer 'Formate--tetrahydrofolate ligase'
2 non-polymer 'SULFATE ION'
3 non-polymer "ADENOSINE-5'-DIPHOSPHATE"
4 non-polymer 'formyl phosphate'
5 non-polymer 2-[2-(2-METHOXY-ETHOXY)-ETHOXY]-ETHOXYL
6 non-polymer 'MAGNESIUM ION'
7 non-polymer 'PENTAETHYLENE GLYCOL'
8 water water
#
_entity_poly.entity_id   1
_entity_poly.type   'polypeptide(L)'
_entity_poly.pdbx_seq_one_letter_code
;MSKVPSDIEIAQAAKMKPVMELARGLGIQEDEVELYGKYKAKISLDVYRRLKDKPDGKLILVTAITPTPAGEGKTTTSVG
LTDALARLGKRVMVCLREPSLGPSFGIKGGAAGGGYAQVVPMEDINLHFTGDIHAVTYAHNLLAAMVDNHLQQGNVLNID
PRTITWRRVIDLNDRALRNIVIGLGGKANGVPRETGFDISVASEVMACLCLASDLMDLKERFSRIVVGYTYDGKPVTAGD
LEAQGSMALLMKDAIKPNLVQTLENTPAFIHGGPFANIAHGCNSIIATKTALKLADYVVTEAGFGADLGAEKFYDVKCRY
AGFKPDATVIVATVRALKMHGGVPKSDLATENLEALREGFANLEKHIENIGKFGVPAVVAINAFPTDTEAELNLLYELCA
KAGAEVALSEVWAKGGEGGLELARKVLQTLESRPSNFHVLYNLDLSIKDKIAKIATEIYGADGVNYTAEADKAIQRYESL
GYGNLPVVMAKTQYSFSDDMTKLGRPRNFTITVREVRLSAGAGFIVPITGAIMTMPGLPKRPAACNIDIDADGVITGLF
;
_entity_poly.pdbx_strand_id   A,B
#
loop_
_chem_comp.id
_chem_comp.type
_chem_comp.name
_chem_comp.formula
1PE non-polymer 'PENTAETHYLENE GLYCOL' 'C10 H22 O6'
ADP non-polymer ADENOSINE-5'-DIPHOSPHATE 'C10 H15 N5 O10 P2'
MG non-polymer 'MAGNESIUM ION' 'Mg 2'
SO4 non-polymer 'SULFATE ION' 'O4 S -2'
TOE non-polymer 2-[2-(2-METHOXY-ETHOXY)-ETHOXY]-ETHOXYL 'C7 H16 O4'
XPO non-polymer 'formyl phosphate' 'C H3 O5 P'
#
# COMPACT_ATOMS: atom_id res chain seq x y z
N PRO A 5 2.93 8.61 31.42
CA PRO A 5 2.94 7.21 30.92
C PRO A 5 2.81 7.15 29.39
N SER A 6 3.82 6.58 28.73
CA SER A 6 3.94 6.70 27.26
C SER A 6 2.63 6.42 26.49
N ASP A 7 2.43 7.17 25.40
CA ASP A 7 1.19 7.05 24.61
C ASP A 7 0.90 5.61 24.12
N ILE A 8 1.93 4.88 23.69
CA ILE A 8 1.73 3.47 23.23
C ILE A 8 1.50 2.49 24.40
N GLU A 9 2.22 2.67 25.51
CA GLU A 9 1.94 1.96 26.77
C GLU A 9 0.43 1.94 27.05
N ILE A 10 -0.16 3.14 27.06
CA ILE A 10 -1.56 3.28 27.47
C ILE A 10 -2.56 2.99 26.35
N ALA A 11 -2.15 3.22 25.09
CA ALA A 11 -2.93 2.78 23.93
C ALA A 11 -3.06 1.26 23.85
N GLN A 12 -1.97 0.54 24.10
CA GLN A 12 -2.02 -0.93 24.11
C GLN A 12 -2.77 -1.56 25.33
N ALA A 13 -2.98 -0.76 26.39
CA ALA A 13 -3.65 -1.21 27.63
C ALA A 13 -5.13 -0.80 27.73
N ALA A 14 -5.80 -0.60 26.58
CA ALA A 14 -6.93 0.33 26.47
C ALA A 14 -8.33 -0.16 26.91
N LYS A 15 -8.77 -1.33 26.48
CA LYS A 15 -10.14 -1.79 26.84
C LYS A 15 -11.19 -1.19 25.90
N MET A 16 -11.40 -1.88 24.79
CA MET A 16 -12.21 -1.40 23.68
C MET A 16 -13.51 -2.17 23.55
N LYS A 17 -14.58 -1.44 23.28
CA LYS A 17 -15.80 -2.06 22.82
C LYS A 17 -15.61 -2.56 21.40
N PRO A 18 -16.27 -3.67 21.07
CA PRO A 18 -16.37 -4.09 19.67
C PRO A 18 -17.11 -3.02 18.88
N VAL A 19 -16.63 -2.71 17.69
CA VAL A 19 -17.14 -1.53 16.98
C VAL A 19 -18.50 -1.80 16.38
N MET A 20 -18.79 -3.08 16.20
CA MET A 20 -20.12 -3.48 15.78
C MET A 20 -21.15 -2.98 16.81
N GLU A 21 -20.79 -3.01 18.09
CA GLU A 21 -21.66 -2.49 19.12
C GLU A 21 -21.83 -0.98 18.97
N LEU A 22 -20.72 -0.25 18.78
CA LEU A 22 -20.79 1.20 18.70
C LEU A 22 -21.57 1.56 17.48
N ALA A 23 -21.34 0.81 16.42
CA ALA A 23 -22.06 1.01 15.17
C ALA A 23 -23.58 0.96 15.41
N ARG A 24 -24.00 -0.11 16.11
CA ARG A 24 -25.41 -0.36 16.38
C ARG A 24 -26.00 0.74 17.27
N GLY A 25 -25.25 1.16 18.29
CA GLY A 25 -25.64 2.32 19.10
C GLY A 25 -25.79 3.64 18.34
N LEU A 26 -25.55 3.64 17.03
CA LEU A 26 -25.65 4.84 16.22
C LEU A 26 -26.74 4.73 15.13
N GLY A 27 -27.45 3.61 15.07
CA GLY A 27 -28.53 3.44 14.07
C GLY A 27 -28.01 2.85 12.77
N ILE A 28 -26.81 2.28 12.85
CA ILE A 28 -26.15 1.65 11.71
C ILE A 28 -26.47 0.18 11.84
N GLN A 29 -26.92 -0.43 10.76
CA GLN A 29 -27.39 -1.79 10.82
C GLN A 29 -26.32 -2.80 10.39
N GLU A 30 -26.32 -3.97 11.03
CA GLU A 30 -25.23 -4.97 10.93
C GLU A 30 -24.63 -5.10 9.52
N ASP A 31 -25.48 -5.14 8.50
CA ASP A 31 -24.99 -5.37 7.15
C ASP A 31 -24.41 -4.13 6.46
N GLU A 32 -24.31 -3.04 7.22
CA GLU A 32 -23.71 -1.80 6.76
C GLU A 32 -22.29 -1.61 7.33
N VAL A 33 -21.83 -2.59 8.11
CA VAL A 33 -20.53 -2.59 8.78
C VAL A 33 -19.66 -3.67 8.11
N GLU A 34 -18.40 -3.35 7.84
CA GLU A 34 -17.47 -4.34 7.34
C GLU A 34 -16.29 -4.32 8.26
N LEU A 35 -16.09 -5.41 8.97
CA LEU A 35 -15.06 -5.45 10.01
C LEU A 35 -13.66 -5.69 9.53
N TYR A 36 -12.72 -5.03 10.18
CA TYR A 36 -11.29 -5.23 10.00
C TYR A 36 -10.88 -5.57 11.44
N GLY A 37 -11.20 -6.79 11.87
CA GLY A 37 -11.03 -7.17 13.27
C GLY A 37 -12.19 -6.65 14.08
N LYS A 38 -12.23 -6.96 15.36
CA LYS A 38 -13.32 -6.54 16.22
C LYS A 38 -13.37 -5.02 16.43
N TYR A 39 -12.23 -4.35 16.26
CA TYR A 39 -12.07 -2.96 16.69
C TYR A 39 -11.96 -1.90 15.60
N LYS A 40 -12.30 -2.27 14.37
CA LYS A 40 -12.21 -1.35 13.24
C LYS A 40 -13.18 -1.78 12.21
N ALA A 41 -13.79 -0.82 11.51
CA ALA A 41 -14.79 -1.16 10.51
C ALA A 41 -14.96 -0.08 9.50
N LYS A 42 -15.62 -0.42 8.40
CA LYS A 42 -15.98 0.52 7.34
C LYS A 42 -17.49 0.59 7.21
N ILE A 43 -17.99 1.81 7.15
CA ILE A 43 -19.41 2.03 7.13
C ILE A 43 -19.83 2.29 5.72
N SER A 44 -20.91 1.65 5.29
CA SER A 44 -21.51 1.86 3.97
C SER A 44 -21.95 3.33 3.71
N LEU A 45 -21.86 3.75 2.46
CA LEU A 45 -22.37 5.07 2.02
C LEU A 45 -23.94 5.12 1.93
N ASP A 46 -24.56 3.95 2.02
CA ASP A 46 -26.01 3.85 2.15
C ASP A 46 -26.52 4.46 3.44
N VAL A 47 -25.72 4.39 4.50
CA VAL A 47 -26.12 5.01 5.75
C VAL A 47 -26.48 6.47 5.46
N TYR A 48 -25.54 7.25 4.94
CA TYR A 48 -25.84 8.66 4.69
C TYR A 48 -26.99 8.81 3.67
N ARG A 49 -27.00 7.97 2.63
CA ARG A 49 -27.99 8.03 1.55
C ARG A 49 -29.42 7.87 2.10
N ARG A 50 -29.63 6.84 2.92
CA ARG A 50 -30.97 6.57 3.43
C ARG A 50 -31.44 7.68 4.39
N LEU A 51 -30.51 8.35 5.04
CA LEU A 51 -30.80 9.49 5.90
C LEU A 51 -30.66 10.90 5.26
N LYS A 52 -30.47 10.97 3.93
CA LYS A 52 -30.30 12.26 3.22
C LYS A 52 -31.24 13.37 3.74
N ASP A 53 -32.55 13.11 3.79
CA ASP A 53 -33.49 14.07 4.36
C ASP A 53 -33.75 13.81 5.85
N LYS A 54 -32.71 13.91 6.69
CA LYS A 54 -32.89 13.97 8.16
C LYS A 54 -32.03 15.09 8.65
N PRO A 55 -32.33 15.63 9.83
CA PRO A 55 -31.60 16.85 10.22
C PRO A 55 -30.17 16.56 10.70
N ASP A 56 -29.31 17.58 10.61
CA ASP A 56 -27.93 17.49 11.04
C ASP A 56 -27.83 17.78 12.50
N GLY A 57 -26.80 17.25 13.15
CA GLY A 57 -26.41 17.72 14.46
C GLY A 57 -25.55 18.95 14.31
N LYS A 58 -24.95 19.39 15.43
CA LYS A 58 -24.06 20.52 15.42
C LYS A 58 -22.64 20.15 14.97
N LEU A 59 -22.03 21.09 14.24
CA LEU A 59 -20.70 20.93 13.71
C LEU A 59 -19.67 21.80 14.43
N ILE A 60 -18.72 21.16 15.10
CA ILE A 60 -17.72 21.87 15.89
C ILE A 60 -16.31 21.63 15.34
N LEU A 61 -15.65 22.70 14.92
CA LEU A 61 -14.31 22.58 14.37
C LEU A 61 -13.26 22.89 15.41
N VAL A 62 -12.16 22.15 15.39
CA VAL A 62 -11.04 22.56 16.21
C VAL A 62 -9.85 22.89 15.32
N THR A 63 -9.28 24.05 15.59
CA THR A 63 -8.14 24.59 14.88
C THR A 63 -7.15 25.03 15.96
N ALA A 64 -6.10 25.75 15.60
CA ALA A 64 -5.11 26.13 16.58
C ALA A 64 -4.32 27.35 16.15
N ILE A 65 -3.43 27.76 17.06
CA ILE A 65 -2.41 28.76 16.77
C ILE A 65 -1.26 28.20 15.91
N THR A 66 -0.23 29.01 15.69
CA THR A 66 0.89 28.65 14.84
C THR A 66 1.87 27.77 15.63
N PRO A 67 2.03 26.50 15.20
CA PRO A 67 2.73 25.47 16.01
C PRO A 67 4.28 25.50 16.04
N THR A 68 4.83 24.77 16.99
CA THR A 68 6.22 24.29 17.00
C THR A 68 6.21 22.93 16.24
N PRO A 69 7.40 22.35 15.97
CA PRO A 69 7.45 21.05 15.23
C PRO A 69 6.75 19.88 15.91
N ALA A 70 6.69 19.87 17.24
CA ALA A 70 5.96 18.82 17.96
C ALA A 70 4.41 18.99 17.89
N GLY A 71 3.92 20.19 17.63
CA GLY A 71 2.48 20.40 17.45
C GLY A 71 1.84 20.71 18.78
N GLU A 72 0.72 21.39 18.77
CA GLU A 72 0.15 21.80 20.03
C GLU A 72 -0.81 20.73 20.53
N GLY A 73 -2.04 20.66 20.05
CA GLY A 73 -2.89 19.57 20.51
C GLY A 73 -4.28 19.60 19.98
N LYS A 74 -4.41 19.87 18.71
CA LYS A 74 -5.72 19.85 18.10
C LYS A 74 -6.32 18.49 18.28
N THR A 75 -5.65 17.50 17.72
CA THR A 75 -6.12 16.14 17.77
C THR A 75 -6.33 15.71 19.24
N THR A 76 -5.32 15.93 20.06
CA THR A 76 -5.40 15.57 21.44
C THR A 76 -6.60 16.22 22.13
N THR A 77 -6.79 17.51 21.91
CA THR A 77 -8.00 18.24 22.27
C THR A 77 -9.32 17.78 21.61
N SER A 78 -9.35 17.54 20.28
CA SER A 78 -10.59 17.07 19.60
C SER A 78 -11.19 15.82 20.22
N VAL A 79 -10.28 14.89 20.52
CA VAL A 79 -10.60 13.63 21.15
C VAL A 79 -11.14 13.89 22.56
N GLY A 80 -10.39 14.63 23.37
CA GLY A 80 -10.80 14.96 24.74
C GLY A 80 -12.14 15.70 24.90
N LEU A 81 -12.34 16.72 24.07
CA LEU A 81 -13.60 17.44 24.00
C LEU A 81 -14.77 16.48 23.67
N THR A 82 -14.49 15.56 22.79
CA THR A 82 -15.47 14.57 22.42
C THR A 82 -15.83 13.67 23.62
N ASP A 83 -14.79 13.32 24.41
CA ASP A 83 -14.94 12.44 25.59
C ASP A 83 -15.66 13.16 26.73
N ALA A 84 -15.35 14.44 26.85
CA ALA A 84 -16.01 15.31 27.80
C ALA A 84 -17.50 15.40 27.49
N LEU A 85 -17.84 15.75 26.25
CA LEU A 85 -19.24 15.81 25.84
C LEU A 85 -20.00 14.49 26.09
N ALA A 86 -19.33 13.36 25.85
CA ALA A 86 -19.94 12.06 26.11
C ALA A 86 -20.21 11.94 27.63
N ARG A 87 -19.33 12.54 28.44
CA ARG A 87 -19.47 12.56 29.89
C ARG A 87 -20.51 13.55 30.42
N LEU A 88 -20.97 14.47 29.58
CA LEU A 88 -22.17 15.22 29.85
C LEU A 88 -23.34 14.54 29.19
N GLY A 89 -23.16 13.29 28.80
CA GLY A 89 -24.27 12.48 28.35
C GLY A 89 -24.73 12.78 26.94
N LYS A 90 -23.89 13.41 26.11
CA LYS A 90 -24.31 13.83 24.78
C LYS A 90 -24.05 12.77 23.74
N ARG A 91 -24.90 12.69 22.72
CA ARG A 91 -24.67 11.75 21.63
C ARG A 91 -23.72 12.47 20.64
N VAL A 92 -22.42 12.18 20.78
CA VAL A 92 -21.33 12.85 20.08
C VAL A 92 -20.39 11.88 19.29
N MET A 93 -19.72 12.41 18.27
CA MET A 93 -18.68 11.71 17.48
C MET A 93 -17.47 12.62 17.16
N VAL A 94 -16.26 12.07 17.07
CA VAL A 94 -15.18 12.86 16.48
C VAL A 94 -15.01 12.41 15.06
N CYS A 95 -14.74 13.36 14.14
CA CYS A 95 -14.15 13.03 12.85
C CYS A 95 -12.70 13.50 12.76
N LEU A 96 -11.81 12.58 12.43
CA LEU A 96 -10.42 12.93 12.27
C LEU A 96 -9.85 12.42 10.96
N ARG A 97 -8.64 12.92 10.66
CA ARG A 97 -7.84 12.47 9.53
C ARG A 97 -6.99 11.28 9.92
N GLU A 98 -6.81 10.38 8.95
CA GLU A 98 -5.89 9.24 9.08
C GLU A 98 -4.49 9.80 8.99
N PRO A 99 -3.66 9.52 10.00
CA PRO A 99 -2.25 9.93 10.07
C PRO A 99 -1.49 9.36 8.93
N SER A 100 -0.55 10.13 8.42
CA SER A 100 0.30 9.65 7.35
C SER A 100 1.27 8.68 7.95
N LEU A 101 1.49 7.57 7.31
CA LEU A 101 2.51 6.62 7.76
C LEU A 101 3.92 7.20 7.99
N GLY A 102 4.42 7.93 6.99
CA GLY A 102 5.78 8.48 6.97
C GLY A 102 6.28 9.18 8.21
N PRO A 103 5.56 10.20 8.71
CA PRO A 103 5.97 10.91 9.92
C PRO A 103 6.06 10.07 11.19
N SER A 104 5.41 8.90 11.26
CA SER A 104 5.64 8.02 12.42
C SER A 104 7.10 7.53 12.46
N PHE A 105 7.79 7.58 11.34
CA PHE A 105 9.15 7.05 11.27
C PHE A 105 10.18 8.19 11.24
N GLY A 106 9.71 9.43 11.21
CA GLY A 106 10.61 10.58 11.18
C GLY A 106 10.53 11.37 12.45
N ILE A 107 9.58 12.28 12.45
CA ILE A 107 9.64 13.52 13.21
C ILE A 107 8.49 13.77 14.18
N LYS A 108 7.31 14.15 13.67
CA LYS A 108 6.21 14.58 14.52
C LYS A 108 5.41 13.38 15.03
N GLY A 109 5.70 12.20 14.48
CA GLY A 109 5.07 10.95 14.89
C GLY A 109 3.68 10.74 14.30
N GLY A 110 2.85 9.97 15.01
CA GLY A 110 1.49 9.66 14.56
C GLY A 110 0.55 10.83 14.75
N ALA A 111 -0.72 10.62 14.45
CA ALA A 111 -1.78 11.59 14.75
C ALA A 111 -3.03 10.94 15.42
N ALA A 112 -2.79 10.10 16.41
CA ALA A 112 -3.92 9.51 17.16
C ALA A 112 -4.19 10.18 18.55
N GLY A 113 -3.48 11.27 18.87
CA GLY A 113 -3.74 12.10 20.05
C GLY A 113 -2.63 12.12 21.07
N GLY A 114 -3.01 11.95 22.33
CA GLY A 114 -2.01 11.95 23.41
C GLY A 114 -2.54 11.62 24.77
N GLY A 115 -1.67 11.09 25.63
CA GLY A 115 -2.04 10.68 26.98
C GLY A 115 -3.39 9.99 26.96
N TYR A 116 -4.30 10.42 27.84
CA TYR A 116 -5.62 9.79 27.97
C TYR A 116 -6.66 10.29 26.96
N ALA A 117 -6.25 11.14 26.02
CA ALA A 117 -7.13 11.50 24.92
C ALA A 117 -6.59 11.00 23.57
N GLN A 118 -6.88 9.74 23.27
CA GLN A 118 -6.43 9.12 22.03
C GLN A 118 -7.52 8.37 21.32
N VAL A 119 -7.33 8.14 20.02
CA VAL A 119 -8.12 7.11 19.35
C VAL A 119 -7.33 5.80 19.20
N VAL A 120 -8.04 4.68 19.25
CA VAL A 120 -7.48 3.37 19.32
C VAL A 120 -8.32 2.39 18.49
N PRO A 121 -7.71 1.30 17.98
CA PRO A 121 -6.34 0.82 18.12
C PRO A 121 -5.31 1.72 17.44
N MET A 122 -4.46 2.33 18.27
CA MET A 122 -3.58 3.41 17.86
C MET A 122 -2.55 3.01 16.82
N GLU A 123 -1.94 1.84 17.02
CA GLU A 123 -0.83 1.37 16.16
C GLU A 123 -1.34 0.91 14.81
N ASP A 124 -2.58 0.45 14.76
CA ASP A 124 -3.24 0.25 13.47
C ASP A 124 -3.50 1.60 12.79
N ILE A 125 -3.99 2.56 13.57
CA ILE A 125 -4.39 3.82 13.05
C ILE A 125 -3.20 4.55 12.47
N ASN A 126 -2.04 4.40 13.08
CA ASN A 126 -0.87 5.15 12.66
C ASN A 126 -0.13 4.47 11.50
N LEU A 127 -0.34 3.16 11.34
CA LEU A 127 0.39 2.41 10.34
C LEU A 127 -0.53 2.18 9.17
N HIS A 128 -0.87 0.95 8.86
CA HIS A 128 -1.62 0.61 7.67
C HIS A 128 -3.15 0.89 7.77
N PHE A 129 -3.67 0.96 9.00
CA PHE A 129 -5.10 1.17 9.31
C PHE A 129 -5.96 0.25 8.46
N THR A 130 -6.86 0.78 7.65
CA THR A 130 -7.71 -0.07 6.80
C THR A 130 -7.27 -0.07 5.33
N GLY A 131 -6.08 0.42 5.03
CA GLY A 131 -5.55 0.35 3.66
C GLY A 131 -5.85 1.52 2.76
N ASP A 132 -6.31 2.64 3.33
CA ASP A 132 -6.90 3.74 2.53
C ASP A 132 -5.77 4.46 1.78
N ILE A 133 -4.70 4.78 2.49
CA ILE A 133 -3.61 5.55 1.91
C ILE A 133 -2.96 4.71 0.84
N HIS A 134 -2.99 3.40 1.03
CA HIS A 134 -2.43 2.50 0.05
C HIS A 134 -3.29 2.52 -1.18
N ALA A 135 -4.57 2.71 -0.99
CA ALA A 135 -5.43 2.66 -2.16
C ALA A 135 -5.21 3.98 -2.94
N VAL A 136 -5.05 5.06 -2.21
CA VAL A 136 -4.72 6.32 -2.85
C VAL A 136 -3.41 6.17 -3.64
N THR A 137 -2.43 5.51 -3.02
CA THR A 137 -1.10 5.48 -3.57
C THR A 137 -1.11 4.69 -4.86
N TYR A 138 -1.91 3.63 -4.89
CA TYR A 138 -1.91 2.77 -6.06
C TYR A 138 -2.69 3.31 -7.23
N ALA A 139 -3.75 4.06 -6.95
CA ALA A 139 -4.52 4.70 -8.00
C ALA A 139 -3.72 5.84 -8.60
N HIS A 140 -3.05 6.58 -7.73
CA HIS A 140 -2.20 7.68 -8.15
C HIS A 140 -1.13 7.18 -9.06
N ASN A 141 -0.40 6.15 -8.59
CA ASN A 141 0.78 5.65 -9.28
C ASN A 141 0.43 4.80 -10.52
N LEU A 142 -0.78 4.22 -10.53
CA LEU A 142 -1.24 3.49 -11.71
C LEU A 142 -1.41 4.47 -12.82
N LEU A 143 -2.04 5.60 -12.49
CA LEU A 143 -2.19 6.66 -13.48
C LEU A 143 -0.84 7.03 -14.07
N ALA A 144 0.15 7.30 -13.20
CA ALA A 144 1.48 7.71 -13.66
C ALA A 144 2.04 6.67 -14.57
N ALA A 145 1.89 5.42 -14.19
CA ALA A 145 2.48 4.35 -14.99
C ALA A 145 1.82 4.33 -16.37
N MET A 146 0.52 4.54 -16.38
CA MET A 146 -0.22 4.56 -17.66
C MET A 146 0.26 5.72 -18.50
N VAL A 147 0.53 6.86 -17.85
CA VAL A 147 1.03 8.00 -18.60
C VAL A 147 2.37 7.60 -19.24
N ASP A 148 3.26 7.03 -18.43
CA ASP A 148 4.51 6.64 -18.97
C ASP A 148 4.42 5.55 -20.05
N ASN A 149 3.56 4.54 -19.86
CA ASN A 149 3.34 3.52 -20.95
C ASN A 149 2.88 4.19 -22.25
N HIS A 150 2.05 5.22 -22.11
CA HIS A 150 1.51 5.90 -23.26
C HIS A 150 2.63 6.47 -24.13
N LEU A 151 3.52 7.25 -23.52
CA LEU A 151 4.72 7.71 -24.16
C LEU A 151 5.44 6.59 -24.86
N GLN A 152 5.58 5.46 -24.21
CA GLN A 152 6.34 4.37 -24.77
C GLN A 152 5.64 3.70 -25.95
N GLN A 153 4.32 3.74 -25.97
CA GLN A 153 3.60 2.98 -26.98
C GLN A 153 3.25 3.91 -28.12
N GLY A 154 4.20 4.73 -28.57
CA GLY A 154 4.02 5.63 -29.72
C GLY A 154 3.52 7.03 -29.44
N ASN A 155 3.23 7.32 -28.17
CA ASN A 155 2.74 8.63 -27.70
C ASN A 155 1.61 9.17 -28.54
N VAL A 156 0.61 8.36 -28.71
CA VAL A 156 -0.45 8.61 -29.67
C VAL A 156 -1.05 10.01 -29.53
N LEU A 157 -1.32 10.43 -28.28
CA LEU A 157 -1.90 11.74 -27.95
C LEU A 157 -0.91 12.92 -28.05
N ASN A 158 0.34 12.64 -28.37
CA ASN A 158 1.34 13.70 -28.49
C ASN A 158 1.57 14.51 -27.22
N ILE A 159 1.72 13.81 -26.11
CA ILE A 159 2.04 14.47 -24.87
C ILE A 159 3.46 15.00 -24.91
N ASP A 160 3.68 16.24 -24.48
CA ASP A 160 5.10 16.70 -24.36
C ASP A 160 5.51 16.25 -22.97
N PRO A 161 6.45 15.32 -22.91
CA PRO A 161 6.66 14.70 -21.65
C PRO A 161 7.37 15.63 -20.68
N ARG A 162 7.82 16.80 -21.13
CA ARG A 162 8.55 17.75 -20.28
C ARG A 162 7.59 18.63 -19.59
N THR A 163 6.31 18.45 -19.87
CA THR A 163 5.23 19.21 -19.22
C THR A 163 4.35 18.35 -18.34
N ILE A 164 4.69 17.10 -18.16
CA ILE A 164 3.84 16.24 -17.35
C ILE A 164 3.93 16.77 -15.91
N THR A 165 2.79 17.13 -15.35
CA THR A 165 2.67 17.64 -13.98
C THR A 165 2.33 16.53 -12.99
N TRP A 166 1.87 15.37 -13.50
CA TRP A 166 1.50 14.24 -12.64
C TRP A 166 2.73 13.60 -12.04
N ARG A 167 2.87 13.63 -10.73
CA ARG A 167 4.04 13.06 -10.11
C ARG A 167 3.73 11.67 -9.53
N ARG A 168 4.72 11.02 -8.91
CA ARG A 168 4.42 9.73 -8.25
C ARG A 168 4.23 10.00 -6.80
N VAL A 169 3.90 8.95 -6.05
CA VAL A 169 3.50 9.14 -4.70
C VAL A 169 3.95 7.96 -3.84
N ILE A 170 4.44 8.26 -2.64
CA ILE A 170 4.69 7.22 -1.69
C ILE A 170 4.48 7.80 -0.30
N ASP A 171 4.09 7.01 0.68
CA ASP A 171 3.70 7.58 2.00
C ASP A 171 4.83 7.60 3.04
N LEU A 172 6.00 8.01 2.61
CA LEU A 172 7.16 8.06 3.47
C LEU A 172 7.79 9.43 3.34
N ASN A 173 8.60 9.84 4.30
CA ASN A 173 9.39 11.06 4.13
C ASN A 173 10.65 10.76 3.37
N ASP A 174 10.58 10.73 2.05
CA ASP A 174 11.77 10.39 1.25
C ASP A 174 12.25 11.50 0.37
N ARG A 175 13.19 12.28 0.90
CA ARG A 175 13.59 13.50 0.22
C ARG A 175 14.34 13.16 -1.04
N ALA A 176 14.95 11.97 -1.10
CA ALA A 176 15.71 11.60 -2.32
C ALA A 176 14.84 11.38 -3.57
N LEU A 177 13.52 11.25 -3.43
CA LEU A 177 12.62 11.18 -4.59
C LEU A 177 11.89 12.51 -4.95
N ARG A 178 12.32 13.64 -4.40
CA ARG A 178 11.77 14.93 -4.79
C ARG A 178 11.97 15.27 -6.23
N ASN A 179 13.18 15.06 -6.73
CA ASN A 179 13.54 15.40 -8.08
C ASN A 179 14.33 14.28 -8.67
N ILE A 180 13.79 13.68 -9.73
CA ILE A 180 14.37 12.45 -10.26
C ILE A 180 14.24 12.49 -11.77
N VAL A 181 15.04 11.67 -12.44
CA VAL A 181 14.94 11.44 -13.85
C VAL A 181 14.58 10.00 -13.98
N ILE A 182 13.65 9.71 -14.88
CA ILE A 182 12.96 8.39 -14.97
C ILE A 182 13.12 7.89 -16.42
N GLY A 183 12.75 6.65 -16.72
CA GLY A 183 12.66 6.21 -18.12
C GLY A 183 13.97 6.02 -18.86
N LEU A 184 15.00 5.69 -18.11
CA LEU A 184 16.33 5.52 -18.65
C LEU A 184 16.54 4.06 -19.00
N GLY A 185 17.67 3.82 -19.67
CA GLY A 185 18.09 2.48 -20.09
C GLY A 185 18.01 2.21 -21.59
N GLY A 186 17.35 3.09 -22.36
CA GLY A 186 17.28 2.89 -23.83
C GLY A 186 15.86 2.65 -24.33
N LYS A 187 15.73 2.30 -25.62
CA LYS A 187 14.38 2.21 -26.24
C LYS A 187 13.48 1.12 -25.69
N ALA A 188 14.00 0.11 -25.03
CA ALA A 188 13.10 -0.90 -24.49
C ALA A 188 12.49 -0.43 -23.18
N ASN A 189 12.98 0.68 -22.63
CA ASN A 189 12.75 0.91 -21.18
C ASN A 189 12.09 2.22 -20.80
N GLY A 190 11.40 2.86 -21.74
CA GLY A 190 10.66 4.08 -21.47
C GLY A 190 11.29 5.32 -22.06
N VAL A 191 10.68 6.46 -21.71
CA VAL A 191 11.07 7.76 -22.27
C VAL A 191 11.67 8.58 -21.14
N PRO A 192 12.95 8.96 -21.23
CA PRO A 192 13.52 9.76 -20.17
C PRO A 192 12.75 11.03 -19.87
N ARG A 193 12.49 11.29 -18.60
CA ARG A 193 11.92 12.61 -18.18
C ARG A 193 12.14 12.95 -16.70
N GLU A 194 12.05 14.23 -16.39
CA GLU A 194 12.24 14.67 -15.02
C GLU A 194 10.91 14.64 -14.29
N THR A 195 10.90 14.01 -13.12
CA THR A 195 9.73 14.01 -12.25
C THR A 195 10.15 13.97 -10.82
N GLY A 196 9.33 13.36 -10.01
CA GLY A 196 9.63 13.07 -8.65
C GLY A 196 8.37 12.58 -8.01
N PHE A 197 8.40 12.50 -6.68
CA PHE A 197 7.34 11.98 -5.86
C PHE A 197 6.92 13.03 -4.87
N ASP A 198 5.64 13.07 -4.55
CA ASP A 198 5.13 13.72 -3.36
C ASP A 198 4.70 12.67 -2.34
N ILE A 199 4.48 13.09 -1.12
CA ILE A 199 3.95 12.19 -0.09
C ILE A 199 2.49 11.93 -0.41
N SER A 200 2.08 10.66 -0.34
CA SER A 200 0.72 10.20 -0.80
C SER A 200 -0.44 10.98 -0.26
N VAL A 201 -0.37 11.41 0.99
CA VAL A 201 -1.50 12.20 1.55
C VAL A 201 -1.67 13.56 0.87
N ALA A 202 -0.64 14.06 0.20
CA ALA A 202 -0.76 15.29 -0.58
C ALA A 202 -1.27 15.01 -2.00
N SER A 203 -1.57 13.76 -2.30
CA SER A 203 -2.01 13.39 -3.61
C SER A 203 -3.30 14.08 -3.93
N GLU A 204 -3.49 14.41 -5.21
CA GLU A 204 -4.79 14.92 -5.63
C GLU A 204 -5.79 13.79 -5.48
N VAL A 205 -5.36 12.56 -5.65
CA VAL A 205 -6.29 11.46 -5.55
C VAL A 205 -6.93 11.44 -4.15
N MET A 206 -6.16 11.69 -3.11
CA MET A 206 -6.70 11.83 -1.73
C MET A 206 -7.66 13.05 -1.55
N ALA A 207 -7.33 14.12 -2.25
CA ALA A 207 -8.18 15.29 -2.29
C ALA A 207 -9.55 14.93 -2.86
N CYS A 208 -9.55 14.18 -3.97
CA CYS A 208 -10.78 13.71 -4.58
C CYS A 208 -11.60 12.85 -3.59
N LEU A 209 -10.89 11.98 -2.87
CA LEU A 209 -11.51 11.10 -1.91
C LEU A 209 -12.16 11.94 -0.83
N CYS A 210 -11.46 12.98 -0.44
CA CYS A 210 -11.93 13.82 0.64
C CYS A 210 -13.04 14.77 0.24
N LEU A 211 -13.26 14.99 -1.04
CA LEU A 211 -14.31 15.93 -1.49
C LEU A 211 -15.47 15.27 -2.19
N ALA A 212 -15.31 14.01 -2.57
CA ALA A 212 -16.34 13.29 -3.32
C ALA A 212 -17.43 12.86 -2.38
N SER A 213 -18.56 12.50 -2.99
CA SER A 213 -19.72 12.08 -2.24
C SER A 213 -20.00 10.58 -2.39
N ASP A 214 -19.43 9.93 -3.39
CA ASP A 214 -19.57 8.50 -3.56
C ASP A 214 -18.71 8.09 -4.72
N LEU A 215 -18.64 6.78 -4.96
CA LEU A 215 -17.71 6.22 -5.92
C LEU A 215 -17.82 6.81 -7.31
N MET A 216 -19.03 6.91 -7.82
CA MET A 216 -19.18 7.30 -9.23
C MET A 216 -18.75 8.75 -9.44
N ASP A 217 -19.05 9.59 -8.46
CA ASP A 217 -18.54 10.95 -8.39
C ASP A 217 -17.01 10.92 -8.39
N LEU A 218 -16.43 10.03 -7.58
CA LEU A 218 -14.97 9.96 -7.49
C LEU A 218 -14.40 9.57 -8.83
N LYS A 219 -15.13 8.74 -9.56
CA LYS A 219 -14.69 8.25 -10.84
C LYS A 219 -14.71 9.36 -11.87
N GLU A 220 -15.76 10.17 -11.82
CA GLU A 220 -15.87 11.30 -12.71
C GLU A 220 -14.76 12.34 -12.42
N ARG A 221 -14.47 12.58 -11.15
CA ARG A 221 -13.42 13.52 -10.80
C ARG A 221 -12.06 13.03 -11.29
N PHE A 222 -11.82 11.73 -11.16
CA PHE A 222 -10.58 11.15 -11.62
C PHE A 222 -10.36 11.43 -13.09
N SER A 223 -11.44 11.37 -13.85
CA SER A 223 -11.35 11.47 -15.29
C SER A 223 -11.05 12.91 -15.73
N ARG A 224 -11.33 13.89 -14.87
CA ARG A 224 -11.00 15.28 -15.16
C ARG A 224 -9.58 15.68 -14.69
N ILE A 225 -8.89 14.80 -13.99
CA ILE A 225 -7.54 15.11 -13.54
C ILE A 225 -6.66 15.36 -14.77
N VAL A 226 -5.90 16.44 -14.74
CA VAL A 226 -5.00 16.81 -15.82
C VAL A 226 -3.59 16.39 -15.48
N VAL A 227 -2.96 15.64 -16.37
CA VAL A 227 -1.63 15.02 -16.09
C VAL A 227 -0.48 15.71 -16.78
N GLY A 228 -0.82 16.48 -17.82
CA GLY A 228 0.16 17.08 -18.71
C GLY A 228 -0.52 17.70 -19.91
N TYR A 229 0.29 18.11 -20.90
CA TYR A 229 -0.16 18.88 -22.07
C TYR A 229 0.46 18.34 -23.34
N THR A 230 -0.21 18.51 -24.46
CA THR A 230 0.42 18.19 -25.73
C THR A 230 1.47 19.24 -26.08
N TYR A 231 2.32 18.90 -27.04
CA TYR A 231 3.25 19.85 -27.66
C TYR A 231 2.61 21.15 -28.05
N ASP A 232 1.33 21.16 -28.44
CA ASP A 232 0.66 22.43 -28.76
C ASP A 232 -0.15 23.03 -27.61
N GLY A 233 0.09 22.57 -26.38
CA GLY A 233 -0.55 23.17 -25.20
C GLY A 233 -1.97 22.77 -24.85
N LYS A 234 -2.54 21.78 -25.54
CA LYS A 234 -3.85 21.22 -25.17
C LYS A 234 -3.71 20.31 -23.93
N PRO A 235 -4.61 20.45 -22.94
CA PRO A 235 -4.49 19.56 -21.79
C PRO A 235 -4.82 18.09 -22.07
N VAL A 236 -4.13 17.19 -21.38
CA VAL A 236 -4.38 15.76 -21.47
C VAL A 236 -4.78 15.29 -20.08
N THR A 237 -5.89 14.57 -20.03
CA THR A 237 -6.50 14.14 -18.78
C THR A 237 -6.42 12.62 -18.57
N ALA A 238 -6.64 12.20 -17.32
CA ALA A 238 -6.76 10.79 -16.99
C ALA A 238 -7.89 10.08 -17.75
N GLY A 239 -8.98 10.78 -18.03
CA GLY A 239 -10.05 10.25 -18.85
C GLY A 239 -9.67 10.07 -20.32
N ASP A 240 -8.84 10.95 -20.88
CA ASP A 240 -8.29 10.77 -22.20
C ASP A 240 -7.50 9.46 -22.30
N LEU A 241 -6.95 9.02 -21.17
CA LEU A 241 -6.17 7.81 -21.10
C LEU A 241 -6.96 6.61 -20.55
N GLU A 242 -8.26 6.82 -20.30
CA GLU A 242 -9.17 5.74 -19.82
C GLU A 242 -8.72 5.03 -18.53
N ALA A 243 -8.23 5.82 -17.59
CA ALA A 243 -7.69 5.30 -16.34
C ALA A 243 -8.69 5.31 -15.18
N GLN A 244 -9.72 6.14 -15.28
CA GLN A 244 -10.59 6.42 -14.13
C GLN A 244 -11.31 5.19 -13.58
N GLY A 245 -11.62 4.24 -14.46
CA GLY A 245 -12.38 3.04 -14.11
C GLY A 245 -11.55 2.16 -13.23
N SER A 246 -10.28 2.02 -13.58
CA SER A 246 -9.35 1.23 -12.81
C SER A 246 -9.05 1.93 -11.50
N MET A 247 -8.96 3.25 -11.56
CA MET A 247 -8.61 4.06 -10.44
C MET A 247 -9.75 3.99 -9.44
N ALA A 248 -10.96 4.17 -9.94
CA ALA A 248 -12.14 3.98 -9.10
C ALA A 248 -12.16 2.60 -8.48
N LEU A 249 -11.76 1.60 -9.24
CA LEU A 249 -11.84 0.21 -8.76
C LEU A 249 -10.97 0.07 -7.52
N LEU A 250 -9.82 0.72 -7.58
CA LEU A 250 -8.81 0.54 -6.57
C LEU A 250 -9.22 1.27 -5.31
N MET A 251 -10.19 2.16 -5.41
CA MET A 251 -10.69 2.94 -4.30
C MET A 251 -12.06 2.43 -3.83
N LYS A 252 -12.50 1.29 -4.38
CA LYS A 252 -13.85 0.75 -4.11
C LYS A 252 -14.22 0.70 -2.59
N ASP A 253 -13.24 0.46 -1.73
CA ASP A 253 -13.45 0.34 -0.30
C ASP A 253 -12.98 1.57 0.46
N ALA A 254 -11.90 2.15 -0.04
CA ALA A 254 -11.33 3.34 0.56
C ALA A 254 -12.34 4.51 0.65
N ILE A 255 -13.30 4.56 -0.27
CA ILE A 255 -14.38 5.56 -0.27
C ILE A 255 -15.23 5.51 1.02
N LYS A 256 -15.33 4.33 1.65
CA LYS A 256 -16.13 4.17 2.86
C LYS A 256 -15.31 4.61 4.05
N PRO A 257 -15.93 5.29 5.02
CA PRO A 257 -15.23 5.80 6.18
C PRO A 257 -15.08 4.75 7.29
N ASN A 258 -14.08 4.97 8.16
CA ASN A 258 -13.66 4.00 9.16
C ASN A 258 -14.03 4.38 10.57
N LEU A 259 -14.60 3.41 11.27
CA LEU A 259 -15.11 3.59 12.61
C LEU A 259 -14.15 2.91 13.57
N VAL A 260 -13.68 3.69 14.54
CA VAL A 260 -12.90 3.25 15.66
C VAL A 260 -13.51 3.96 16.85
N GLN A 261 -12.72 4.16 17.91
CA GLN A 261 -13.22 4.78 19.12
C GLN A 261 -12.09 5.46 19.88
N THR A 262 -12.48 6.17 20.94
CA THR A 262 -11.56 6.82 21.85
C THR A 262 -11.28 5.82 22.97
N LEU A 263 -10.36 6.20 23.85
CA LEU A 263 -10.03 5.41 25.06
C LEU A 263 -11.22 5.22 26.00
N GLU A 264 -12.13 6.19 26.02
CA GLU A 264 -13.36 6.11 26.79
C GLU A 264 -14.53 5.61 25.93
N ASN A 265 -14.20 4.89 24.87
CA ASN A 265 -15.19 4.22 24.00
C ASN A 265 -16.19 5.10 23.23
N THR A 266 -15.94 6.39 23.12
CA THR A 266 -16.77 7.23 22.31
C THR A 266 -16.46 6.96 20.83
N PRO A 267 -17.49 6.91 19.98
CA PRO A 267 -17.27 6.68 18.54
C PRO A 267 -16.54 7.79 17.79
N ALA A 268 -15.81 7.36 16.76
CA ALA A 268 -14.86 8.17 16.03
C ALA A 268 -14.78 7.66 14.62
N PHE A 269 -14.92 8.57 13.67
CA PHE A 269 -14.61 8.30 12.27
C PHE A 269 -13.19 8.81 11.96
N ILE A 270 -12.53 8.09 11.09
CA ILE A 270 -11.23 8.48 10.60
C ILE A 270 -11.23 8.19 9.13
N HIS A 271 -11.00 9.21 8.32
CA HIS A 271 -11.12 9.08 6.89
C HIS A 271 -10.42 10.20 6.13
N GLY A 272 -9.50 9.82 5.24
CA GLY A 272 -8.65 10.79 4.51
C GLY A 272 -7.62 11.48 5.39
N GLY A 273 -6.42 11.67 4.88
CA GLY A 273 -5.38 12.34 5.65
C GLY A 273 -4.48 13.41 5.02
N PRO A 274 -5.02 14.35 4.24
CA PRO A 274 -4.15 15.43 3.72
C PRO A 274 -3.56 16.40 4.76
N PHE A 275 -2.26 16.66 4.67
CA PHE A 275 -1.64 17.76 5.41
C PHE A 275 -2.27 19.09 5.07
N ALA A 276 -2.06 20.08 5.92
CA ALA A 276 -2.71 21.39 5.72
C ALA A 276 -1.73 22.44 5.26
N ASN A 277 -0.43 22.14 5.29
CA ASN A 277 0.56 23.07 4.71
C ASN A 277 0.76 22.91 3.18
N ILE A 278 0.54 21.69 2.69
CA ILE A 278 0.84 21.33 1.29
C ILE A 278 -0.38 20.64 0.63
N ALA A 279 -1.56 20.68 1.27
CA ALA A 279 -2.86 20.08 0.80
C ALA A 279 -4.07 20.68 1.60
N HIS A 280 -5.29 20.18 1.43
CA HIS A 280 -6.42 20.99 1.97
C HIS A 280 -6.77 20.76 3.45
N GLY A 281 -6.15 19.77 4.08
CA GLY A 281 -6.07 19.74 5.55
C GLY A 281 -7.26 19.28 6.38
N CYS A 282 -8.25 18.66 5.73
CA CYS A 282 -9.50 18.21 6.36
C CYS A 282 -9.73 16.72 6.17
N ASN A 283 -10.60 16.12 6.99
CA ASN A 283 -11.03 14.75 6.73
C ASN A 283 -12.12 14.79 5.66
N SER A 284 -12.57 13.61 5.27
CA SER A 284 -13.44 13.53 4.14
C SER A 284 -14.77 14.20 4.43
N ILE A 285 -15.36 14.75 3.38
CA ILE A 285 -16.73 15.21 3.48
C ILE A 285 -17.59 14.03 3.91
N ILE A 286 -17.30 12.87 3.31
CA ILE A 286 -18.13 11.70 3.52
C ILE A 286 -18.16 11.34 4.99
N ALA A 287 -17.05 11.44 5.69
CA ALA A 287 -17.06 11.08 7.09
C ALA A 287 -17.92 12.06 7.85
N THR A 288 -17.60 13.35 7.68
CA THR A 288 -18.27 14.41 8.41
C THR A 288 -19.77 14.50 8.18
N LYS A 289 -20.25 14.29 6.96
CA LYS A 289 -21.70 14.40 6.72
C LYS A 289 -22.46 13.17 7.22
N THR A 290 -21.78 12.04 7.16
CA THR A 290 -22.34 10.85 7.76
C THR A 290 -22.46 11.06 9.26
N ALA A 291 -21.43 11.59 9.90
CA ALA A 291 -21.44 11.69 11.32
C ALA A 291 -22.56 12.61 11.79
N LEU A 292 -22.83 13.63 10.98
CA LEU A 292 -23.82 14.62 11.32
C LEU A 292 -25.24 14.05 11.26
N LYS A 293 -25.42 12.95 10.54
CA LYS A 293 -26.69 12.21 10.66
C LYS A 293 -26.76 11.34 11.89
N LEU A 294 -25.61 10.91 12.39
CA LEU A 294 -25.57 9.93 13.44
C LEU A 294 -25.42 10.52 14.82
N ALA A 295 -24.90 11.73 14.94
CA ALA A 295 -24.66 12.29 16.27
C ALA A 295 -25.22 13.70 16.38
N ASP A 296 -25.51 14.16 17.60
CA ASP A 296 -26.09 15.46 17.77
C ASP A 296 -24.99 16.50 17.74
N TYR A 297 -23.78 16.03 18.00
CA TYR A 297 -22.61 16.90 18.02
C TYR A 297 -21.42 16.17 17.38
N VAL A 298 -20.73 16.87 16.50
CA VAL A 298 -19.60 16.31 15.76
C VAL A 298 -18.43 17.23 15.85
N VAL A 299 -17.34 16.73 16.40
CA VAL A 299 -16.12 17.48 16.55
C VAL A 299 -15.26 17.06 15.38
N THR A 300 -14.59 18.03 14.77
CA THR A 300 -13.66 17.71 13.70
C THR A 300 -12.48 18.68 13.63
N GLU A 301 -11.35 18.23 13.11
CA GLU A 301 -10.07 18.97 13.14
C GLU A 301 -9.70 19.42 11.72
N ALA A 302 -9.10 20.60 11.61
CA ALA A 302 -8.37 20.97 10.39
C ALA A 302 -6.90 21.13 10.73
N GLY A 303 -6.06 20.87 9.75
CA GLY A 303 -4.60 20.79 9.98
C GLY A 303 -3.86 22.09 10.23
N PHE A 304 -2.74 21.94 10.94
CA PHE A 304 -1.92 23.03 11.44
C PHE A 304 -2.76 24.22 11.96
N GLY A 305 -2.21 25.44 11.92
CA GLY A 305 -2.87 26.62 12.47
C GLY A 305 -4.07 27.07 11.66
N ALA A 306 -4.76 28.06 12.18
CA ALA A 306 -6.04 28.48 11.62
C ALA A 306 -5.88 29.25 10.34
N ASP A 307 -4.68 29.74 10.07
CA ASP A 307 -4.37 30.39 8.81
C ASP A 307 -4.41 29.40 7.64
N LEU A 308 -4.14 28.12 7.94
CA LEU A 308 -4.10 27.07 6.93
C LEU A 308 -5.33 26.18 6.98
N GLY A 309 -5.41 25.35 8.01
CA GLY A 309 -6.45 24.34 8.11
C GLY A 309 -7.82 24.97 8.26
N ALA A 310 -7.95 25.90 9.20
CA ALA A 310 -9.25 26.49 9.44
C ALA A 310 -9.76 27.22 8.20
N GLU A 311 -8.86 27.96 7.54
CA GLU A 311 -9.22 28.72 6.33
C GLU A 311 -9.74 27.80 5.25
N LYS A 312 -9.03 26.71 5.01
CA LYS A 312 -9.42 25.75 3.96
C LYS A 312 -10.63 24.88 4.34
N PHE A 313 -10.81 24.62 5.62
CA PHE A 313 -12.01 23.97 6.10
C PHE A 313 -13.24 24.81 5.75
N TYR A 314 -13.15 26.10 6.00
CA TYR A 314 -14.24 27.02 5.66
C TYR A 314 -14.37 27.23 4.14
N ASP A 315 -13.29 27.64 3.50
CA ASP A 315 -13.39 28.07 2.11
C ASP A 315 -13.42 26.94 1.05
N VAL A 316 -13.19 25.70 1.45
CA VAL A 316 -13.16 24.60 0.48
C VAL A 316 -14.11 23.50 0.89
N LYS A 317 -13.81 22.87 2.02
CA LYS A 317 -14.62 21.77 2.53
C LYS A 317 -16.06 22.23 2.79
N CYS A 318 -16.24 23.20 3.66
CA CYS A 318 -17.60 23.71 3.95
C CYS A 318 -18.34 24.20 2.68
N ARG A 319 -17.66 25.00 1.89
CA ARG A 319 -18.16 25.37 0.58
C ARG A 319 -18.73 24.21 -0.19
N TYR A 320 -17.89 23.22 -0.45
CA TYR A 320 -18.32 22.11 -1.30
C TYR A 320 -19.33 21.17 -0.63
N ALA A 321 -19.45 21.22 0.69
CA ALA A 321 -20.36 20.31 1.41
C ALA A 321 -21.69 20.95 1.75
N GLY A 322 -21.70 22.28 1.82
CA GLY A 322 -22.86 23.01 2.29
C GLY A 322 -22.93 22.96 3.80
N PHE A 323 -21.78 22.96 4.46
CA PHE A 323 -21.75 22.81 5.93
C PHE A 323 -21.78 24.19 6.56
N LYS A 324 -22.41 24.30 7.73
CA LYS A 324 -22.46 25.58 8.44
C LYS A 324 -21.95 25.41 9.86
N PRO A 325 -20.63 25.40 10.04
CA PRO A 325 -20.03 25.22 11.35
C PRO A 325 -20.70 26.08 12.42
N ASP A 326 -21.08 25.47 13.55
CA ASP A 326 -21.78 26.18 14.62
C ASP A 326 -20.85 26.81 15.66
N ALA A 327 -19.68 26.22 15.84
CA ALA A 327 -18.72 26.72 16.79
C ALA A 327 -17.32 26.31 16.35
N THR A 328 -16.31 27.03 16.84
CA THR A 328 -14.90 26.73 16.56
C THR A 328 -14.05 26.91 17.79
N VAL A 329 -13.22 25.90 18.04
CA VAL A 329 -12.32 25.87 19.17
C VAL A 329 -10.88 26.09 18.73
N ILE A 330 -10.24 27.08 19.31
CA ILE A 330 -8.87 27.42 19.01
C ILE A 330 -7.95 26.92 20.12
N VAL A 331 -7.10 25.95 19.80
CA VAL A 331 -6.13 25.43 20.76
C VAL A 331 -4.92 26.36 20.90
N ALA A 332 -4.61 26.75 22.13
CA ALA A 332 -3.42 27.57 22.38
C ALA A 332 -2.57 26.93 23.44
N THR A 333 -1.28 27.24 23.42
CA THR A 333 -0.36 26.73 24.41
C THR A 333 0.66 27.75 24.86
N VAL A 334 1.04 27.61 26.11
CA VAL A 334 2.00 28.47 26.75
C VAL A 334 3.35 28.31 26.04
N ARG A 335 3.76 27.04 25.91
CA ARG A 335 4.95 26.64 25.14
C ARG A 335 5.06 27.38 23.80
N ALA A 336 3.98 27.44 23.05
CA ALA A 336 4.04 28.03 21.72
C ALA A 336 3.99 29.55 21.80
N LEU A 337 3.10 30.09 22.64
CA LEU A 337 3.05 31.54 22.75
C LEU A 337 4.37 32.13 23.25
N LYS A 338 5.03 31.44 24.18
CA LYS A 338 6.36 31.84 24.62
C LYS A 338 7.36 31.86 23.43
N MET A 339 7.28 30.85 22.55
CA MET A 339 8.15 30.79 21.38
C MET A 339 7.91 32.02 20.49
N HIS A 340 6.64 32.37 20.32
CA HIS A 340 6.27 33.53 19.53
C HIS A 340 6.64 34.86 20.16
N GLY A 341 7.07 34.82 21.43
CA GLY A 341 7.54 36.00 22.13
C GLY A 341 9.05 36.11 22.29
N GLY A 342 9.81 35.18 21.74
CA GLY A 342 11.27 35.27 21.79
C GLY A 342 12.00 34.03 22.31
N VAL A 343 11.35 33.19 23.10
CA VAL A 343 12.06 32.06 23.70
C VAL A 343 12.43 30.99 22.67
N PRO A 344 13.71 30.58 22.64
CA PRO A 344 14.11 29.52 21.71
C PRO A 344 13.43 28.19 22.02
N LYS A 345 13.38 27.28 21.03
CA LYS A 345 12.68 25.99 21.17
C LYS A 345 13.30 25.08 22.26
N SER A 346 14.58 25.29 22.55
CA SER A 346 15.29 24.51 23.58
C SER A 346 15.09 25.06 25.01
N ASP A 347 14.46 26.23 25.16
CA ASP A 347 14.29 26.87 26.49
C ASP A 347 12.83 26.96 26.96
N LEU A 348 11.93 26.16 26.37
CA LEU A 348 10.50 26.36 26.58
C LEU A 348 9.96 25.79 27.88
N ALA A 349 10.64 24.79 28.45
CA ALA A 349 10.29 24.28 29.79
C ALA A 349 10.51 25.33 30.92
N THR A 350 11.05 26.51 30.59
CA THR A 350 11.26 27.58 31.57
C THR A 350 10.09 28.56 31.61
N GLU A 351 9.77 29.04 32.81
CA GLU A 351 8.77 30.07 33.02
C GLU A 351 9.28 31.36 32.39
N ASN A 352 8.39 32.09 31.72
CA ASN A 352 8.70 33.42 31.19
C ASN A 352 7.38 34.16 30.98
N LEU A 353 7.11 35.13 31.84
CA LEU A 353 5.81 35.78 31.92
C LEU A 353 5.61 36.82 30.79
N GLU A 354 6.70 37.48 30.39
CA GLU A 354 6.69 38.53 29.36
C GLU A 354 6.59 37.94 27.93
N ALA A 355 7.32 36.85 27.71
CA ALA A 355 7.32 36.12 26.44
C ALA A 355 5.96 35.49 26.09
N LEU A 356 5.13 35.28 27.10
CA LEU A 356 3.76 34.90 26.88
C LEU A 356 2.93 36.14 26.57
N ARG A 357 3.24 37.25 27.24
CA ARG A 357 2.54 38.52 26.99
C ARG A 357 2.72 39.03 25.55
N GLU A 358 3.96 39.00 25.05
CA GLU A 358 4.26 39.50 23.71
C GLU A 358 4.09 38.39 22.66
N GLY A 359 3.99 37.16 23.12
CA GLY A 359 3.68 36.03 22.25
C GLY A 359 2.21 35.96 21.92
N PHE A 360 1.38 36.60 22.74
CA PHE A 360 -0.08 36.52 22.61
C PHE A 360 -0.57 37.07 21.28
N ALA A 361 0.13 38.04 20.73
CA ALA A 361 -0.24 38.61 19.43
C ALA A 361 -0.58 37.50 18.41
N ASN A 362 0.15 36.39 18.46
CA ASN A 362 -0.08 35.27 17.56
C ASN A 362 -1.51 34.78 17.65
N LEU A 363 -1.96 34.43 18.86
CA LEU A 363 -3.33 34.02 19.10
C LEU A 363 -4.31 35.16 18.85
N GLU A 364 -3.91 36.36 19.22
CA GLU A 364 -4.73 37.54 18.97
C GLU A 364 -5.21 37.48 17.52
N LYS A 365 -4.28 37.24 16.61
CA LYS A 365 -4.56 37.27 15.17
C LYS A 365 -5.44 36.08 14.70
N HIS A 366 -5.13 34.87 15.13
CA HIS A 366 -5.96 33.71 14.83
C HIS A 366 -7.44 33.92 15.26
N ILE A 367 -7.66 34.51 16.43
CA ILE A 367 -9.03 34.84 16.87
C ILE A 367 -9.68 35.81 15.91
N GLU A 368 -9.02 36.95 15.68
CA GLU A 368 -9.45 37.91 14.67
C GLU A 368 -9.88 37.20 13.41
N ASN A 369 -8.99 36.35 12.89
CA ASN A 369 -9.19 35.62 11.62
C ASN A 369 -10.40 34.68 11.58
N ILE A 370 -10.60 33.91 12.64
CA ILE A 370 -11.82 33.11 12.79
C ILE A 370 -13.04 33.99 12.78
N GLY A 371 -12.97 35.12 13.49
CA GLY A 371 -14.12 36.03 13.62
C GLY A 371 -14.62 36.48 12.26
N LYS A 372 -13.69 36.63 11.34
CA LYS A 372 -14.01 36.95 9.95
C LYS A 372 -14.91 35.95 9.22
N PHE A 373 -15.01 34.70 9.69
CA PHE A 373 -15.90 33.70 9.06
C PHE A 373 -17.27 33.58 9.73
N GLY A 374 -17.48 34.34 10.81
CA GLY A 374 -18.79 34.43 11.44
C GLY A 374 -19.18 33.29 12.37
N VAL A 375 -18.23 32.46 12.75
CA VAL A 375 -18.53 31.43 13.73
C VAL A 375 -17.85 31.73 15.07
N PRO A 376 -18.60 31.56 16.16
CA PRO A 376 -18.08 31.89 17.49
C PRO A 376 -16.96 30.96 17.98
N ALA A 377 -15.99 31.57 18.64
CA ALA A 377 -14.80 30.85 19.08
C ALA A 377 -14.84 30.59 20.58
N VAL A 378 -14.13 29.55 20.99
CA VAL A 378 -13.76 29.34 22.37
C VAL A 378 -12.30 28.99 22.29
N VAL A 379 -11.50 29.51 23.20
CA VAL A 379 -10.10 29.12 23.25
C VAL A 379 -10.00 27.93 24.19
N ALA A 380 -9.21 26.94 23.79
CA ALA A 380 -8.81 25.84 24.65
C ALA A 380 -7.36 26.03 25.07
N ILE A 381 -7.11 26.18 26.37
CA ILE A 381 -5.74 26.15 26.88
C ILE A 381 -5.34 24.73 27.22
N ASN A 382 -4.49 24.16 26.37
CA ASN A 382 -4.00 22.83 26.54
C ASN A 382 -2.80 22.90 27.47
N ALA A 383 -3.05 22.65 28.75
CA ALA A 383 -2.03 22.72 29.78
C ALA A 383 -0.98 21.64 29.67
N PHE A 384 0.27 22.05 29.43
CA PHE A 384 1.36 21.09 29.28
C PHE A 384 1.96 20.86 30.64
N PRO A 385 2.52 19.66 30.86
CA PRO A 385 3.07 19.27 32.17
C PRO A 385 4.02 20.28 32.78
N THR A 386 4.67 21.09 31.95
CA THR A 386 5.63 22.07 32.41
C THR A 386 5.02 23.46 32.66
N ASP A 387 3.85 23.74 32.08
CA ASP A 387 3.28 25.07 32.19
C ASP A 387 3.05 25.39 33.66
N THR A 388 3.50 26.57 34.12
CA THR A 388 3.31 26.97 35.52
C THR A 388 1.89 27.47 35.71
N GLU A 389 1.38 27.32 36.93
CA GLU A 389 0.06 27.83 37.28
C GLU A 389 -0.08 29.34 36.94
N ALA A 390 1.00 30.10 37.07
CA ALA A 390 0.94 31.55 36.81
C ALA A 390 0.82 31.84 35.32
N GLU A 391 1.61 31.15 34.54
CA GLU A 391 1.52 31.29 33.09
C GLU A 391 0.10 30.93 32.64
N LEU A 392 -0.49 29.93 33.29
CA LEU A 392 -1.83 29.44 32.94
C LEU A 392 -2.98 30.41 33.26
N ASN A 393 -2.87 31.22 34.31
CA ASN A 393 -3.94 32.19 34.59
C ASN A 393 -3.81 33.41 33.69
N LEU A 394 -2.57 33.82 33.45
CA LEU A 394 -2.29 34.95 32.58
C LEU A 394 -2.92 34.74 31.20
N LEU A 395 -2.73 33.55 30.64
CA LEU A 395 -3.32 33.24 29.34
C LEU A 395 -4.86 33.31 29.43
N TYR A 396 -5.41 32.64 30.44
CA TYR A 396 -6.84 32.71 30.71
C TYR A 396 -7.20 34.18 30.70
N GLU A 397 -6.54 34.94 31.58
CA GLU A 397 -6.78 36.37 31.78
C GLU A 397 -6.70 37.18 30.47
N LEU A 398 -5.64 36.98 29.70
CA LEU A 398 -5.49 37.64 28.38
C LEU A 398 -6.64 37.33 27.40
N CYS A 399 -7.15 36.10 27.42
CA CYS A 399 -8.23 35.71 26.52
C CYS A 399 -9.57 36.35 26.87
N ALA A 400 -9.83 36.43 28.17
CA ALA A 400 -10.99 37.16 28.71
C ALA A 400 -10.87 38.65 28.38
N LYS A 401 -9.73 39.23 28.75
CA LYS A 401 -9.41 40.63 28.49
C LYS A 401 -9.60 40.97 27.00
N ALA A 402 -9.32 40.02 26.11
CA ALA A 402 -9.56 40.24 24.68
C ALA A 402 -11.04 40.05 24.33
N GLY A 403 -11.83 39.64 25.33
CA GLY A 403 -13.26 39.36 25.13
C GLY A 403 -13.59 37.88 24.94
N ALA A 404 -12.60 37.09 24.51
CA ALA A 404 -12.84 35.72 24.02
C ALA A 404 -13.21 34.69 25.11
N GLU A 405 -14.17 33.81 24.81
CA GLU A 405 -14.47 32.65 25.67
C GLU A 405 -13.25 31.73 25.78
N VAL A 406 -12.99 31.22 26.97
CA VAL A 406 -11.78 30.46 27.24
C VAL A 406 -12.12 29.28 28.13
N ALA A 407 -11.25 28.29 28.11
CA ALA A 407 -11.27 27.26 29.12
C ALA A 407 -9.99 26.46 29.13
N LEU A 408 -9.55 26.14 30.34
CA LEU A 408 -8.41 25.27 30.55
C LEU A 408 -8.82 23.83 30.22
N SER A 409 -7.93 23.10 29.59
CA SER A 409 -8.20 21.72 29.19
C SER A 409 -7.08 20.80 29.65
N GLU A 410 -7.41 19.93 30.61
CA GLU A 410 -6.48 18.97 31.16
C GLU A 410 -6.83 17.56 30.66
N VAL A 411 -7.40 17.55 29.47
CA VAL A 411 -7.72 16.36 28.70
C VAL A 411 -6.52 15.39 28.44
N TRP A 412 -5.31 15.93 28.28
CA TRP A 412 -4.12 15.09 28.08
C TRP A 412 -3.86 14.19 29.27
N ALA A 413 -3.85 14.80 30.45
CA ALA A 413 -3.46 14.10 31.67
C ALA A 413 -4.64 13.36 32.31
N LYS A 414 -5.85 13.86 32.11
CA LYS A 414 -7.03 13.36 32.84
C LYS A 414 -8.12 12.75 31.96
N GLY A 415 -8.00 12.89 30.64
CA GLY A 415 -8.99 12.37 29.73
C GLY A 415 -10.20 13.27 29.71
N GLY A 416 -11.35 12.69 29.35
CA GLY A 416 -12.59 13.46 29.17
C GLY A 416 -13.00 14.33 30.35
N GLU A 417 -12.70 13.89 31.57
CA GLU A 417 -13.03 14.70 32.73
C GLU A 417 -12.05 15.87 32.91
N GLY A 418 -10.96 15.87 32.14
CA GLY A 418 -10.12 17.05 32.03
C GLY A 418 -10.73 18.10 31.12
N GLY A 419 -11.86 17.80 30.47
CA GLY A 419 -12.46 18.65 29.45
C GLY A 419 -13.89 19.11 29.68
N LEU A 420 -14.39 18.92 30.90
CA LEU A 420 -15.73 19.39 31.25
C LEU A 420 -15.90 20.91 31.17
N GLU A 421 -15.00 21.68 31.82
CA GLU A 421 -15.08 23.16 31.73
C GLU A 421 -15.21 23.58 30.26
N LEU A 422 -14.33 23.03 29.43
CA LEU A 422 -14.31 23.34 28.01
C LEU A 422 -15.58 22.90 27.31
N ALA A 423 -16.01 21.66 27.57
CA ALA A 423 -17.23 21.14 26.96
C ALA A 423 -18.47 21.98 27.29
N ARG A 424 -18.65 22.37 28.56
CA ARG A 424 -19.73 23.31 28.94
C ARG A 424 -19.63 24.60 28.10
N LYS A 425 -18.45 25.20 28.06
CA LYS A 425 -18.28 26.41 27.28
C LYS A 425 -18.69 26.26 25.83
N VAL A 426 -18.38 25.15 25.19
CA VAL A 426 -18.79 24.94 23.80
C VAL A 426 -20.31 24.84 23.71
N LEU A 427 -20.87 24.03 24.61
CA LEU A 427 -22.32 23.88 24.75
C LEU A 427 -22.98 25.20 25.00
N GLN A 428 -22.38 25.98 25.91
CA GLN A 428 -22.84 27.33 26.22
C GLN A 428 -22.97 28.12 24.91
N THR A 429 -21.92 28.13 24.10
CA THR A 429 -21.94 28.95 22.88
C THR A 429 -22.89 28.35 21.81
N LEU A 430 -23.07 27.03 21.75
CA LEU A 430 -24.03 26.49 20.78
C LEU A 430 -25.44 26.97 21.10
N GLU A 431 -25.74 26.99 22.40
CA GLU A 431 -27.08 27.32 22.90
C GLU A 431 -27.31 28.85 22.88
N SER A 432 -26.26 29.64 23.08
CA SER A 432 -26.40 31.09 23.27
C SER A 432 -25.80 32.02 22.19
N ARG A 433 -24.81 31.61 21.40
CA ARG A 433 -24.34 32.48 20.28
C ARG A 433 -24.35 31.72 18.97
N PRO A 434 -25.45 31.83 18.19
CA PRO A 434 -25.54 31.08 16.95
C PRO A 434 -24.53 31.56 15.92
N SER A 435 -24.21 30.70 14.95
CA SER A 435 -23.16 31.01 14.00
C SER A 435 -23.76 31.64 12.75
N ASN A 436 -22.91 32.42 12.08
CA ASN A 436 -23.28 33.18 10.92
C ASN A 436 -22.25 32.86 9.83
N PHE A 437 -22.11 31.57 9.50
CA PHE A 437 -20.98 31.14 8.68
C PHE A 437 -21.06 31.66 7.24
N HIS A 438 -19.98 32.25 6.76
CA HIS A 438 -19.89 32.57 5.33
C HIS A 438 -18.44 32.53 4.87
N VAL A 439 -18.26 32.19 3.60
CA VAL A 439 -16.93 32.10 2.96
C VAL A 439 -16.23 33.46 2.84
N LEU A 440 -14.91 33.43 2.75
CA LEU A 440 -14.14 34.66 2.69
C LEU A 440 -14.26 35.37 1.32
N TYR A 441 -14.48 34.59 0.26
CA TYR A 441 -14.35 35.08 -1.11
C TYR A 441 -15.32 34.35 -2.00
N ASN A 442 -15.76 34.96 -3.08
CA ASN A 442 -16.59 34.24 -4.06
C ASN A 442 -15.80 33.64 -5.19
N LEU A 443 -16.42 32.69 -5.88
CA LEU A 443 -15.72 31.92 -6.90
C LEU A 443 -15.46 32.68 -8.19
N ASP A 444 -16.22 33.74 -8.46
CA ASP A 444 -16.09 34.50 -9.71
C ASP A 444 -14.84 35.37 -9.78
N LEU A 445 -14.19 35.62 -8.65
CA LEU A 445 -12.91 36.36 -8.65
C LEU A 445 -11.78 35.69 -9.47
N SER A 446 -10.79 36.50 -9.84
CA SER A 446 -9.53 35.99 -10.42
C SER A 446 -8.75 35.14 -9.42
N ILE A 447 -7.98 34.17 -9.93
CA ILE A 447 -7.05 33.41 -9.12
C ILE A 447 -6.24 34.37 -8.26
N LYS A 448 -5.60 35.36 -8.90
CA LYS A 448 -4.70 36.33 -8.22
C LYS A 448 -5.43 37.18 -7.17
N ASP A 449 -6.72 37.47 -7.40
CA ASP A 449 -7.53 38.15 -6.38
C ASP A 449 -7.87 37.26 -5.20
N LYS A 450 -8.19 35.98 -5.46
CA LYS A 450 -8.48 35.06 -4.38
C LYS A 450 -7.21 34.87 -3.51
N ILE A 451 -6.06 34.75 -4.17
CA ILE A 451 -4.78 34.58 -3.47
C ILE A 451 -4.49 35.79 -2.58
N ALA A 452 -4.59 36.98 -3.17
CA ALA A 452 -4.46 38.25 -2.44
C ALA A 452 -5.47 38.37 -1.29
N LYS A 453 -6.70 37.88 -1.46
CA LYS A 453 -7.66 37.85 -0.32
C LYS A 453 -7.11 37.08 0.88
N ILE A 454 -6.64 35.86 0.65
CA ILE A 454 -6.08 35.04 1.73
C ILE A 454 -4.77 35.69 2.26
N ALA A 455 -3.88 36.03 1.33
CA ALA A 455 -2.63 36.71 1.65
C ALA A 455 -2.82 37.84 2.65
N THR A 456 -3.75 38.75 2.37
CA THR A 456 -3.90 39.99 3.15
C THR A 456 -4.82 39.82 4.34
N GLU A 457 -6.02 39.28 4.09
CA GLU A 457 -7.02 39.08 5.16
C GLU A 457 -6.60 38.09 6.26
N ILE A 458 -5.82 37.08 5.92
CA ILE A 458 -5.53 36.00 6.87
C ILE A 458 -4.08 36.00 7.36
N TYR A 459 -3.13 36.02 6.43
CA TYR A 459 -1.71 35.98 6.81
C TYR A 459 -1.24 37.36 7.20
N GLY A 460 -1.90 38.39 6.69
CA GLY A 460 -1.53 39.77 7.01
C GLY A 460 -0.34 40.34 6.25
N ALA A 461 -0.11 39.82 5.06
CA ALA A 461 0.94 40.36 4.23
C ALA A 461 0.41 41.58 3.49
N ASP A 462 1.34 42.37 2.96
CA ASP A 462 1.04 43.56 2.14
C ASP A 462 0.59 43.22 0.72
N GLY A 463 0.91 42.02 0.27
CA GLY A 463 0.65 41.65 -1.10
C GLY A 463 1.39 40.40 -1.47
N VAL A 464 1.39 40.10 -2.75
CA VAL A 464 1.90 38.84 -3.19
C VAL A 464 2.67 39.00 -4.48
N ASN A 465 3.82 38.33 -4.52
CA ASN A 465 4.71 38.27 -5.68
C ASN A 465 4.59 36.92 -6.43
N TYR A 466 4.84 36.96 -7.73
CA TYR A 466 4.76 35.77 -8.58
C TYR A 466 6.02 35.59 -9.40
N THR A 467 6.65 34.42 -9.35
CA THR A 467 7.71 34.09 -10.31
C THR A 467 7.01 34.03 -11.65
N ALA A 468 7.82 33.96 -12.69
CA ALA A 468 7.31 33.96 -14.05
C ALA A 468 6.66 32.61 -14.34
N GLU A 469 7.24 31.54 -13.81
CA GLU A 469 6.62 30.21 -13.86
C GLU A 469 5.18 30.23 -13.40
N ALA A 470 4.96 30.86 -12.24
CA ALA A 470 3.64 31.00 -11.62
C ALA A 470 2.66 31.81 -12.48
N ASP A 471 3.14 32.93 -13.02
CA ASP A 471 2.37 33.78 -13.93
C ASP A 471 1.94 33.03 -15.19
N LYS A 472 2.89 32.33 -15.79
CA LYS A 472 2.62 31.50 -16.94
C LYS A 472 1.50 30.51 -16.61
N ALA A 473 1.59 29.86 -15.44
CA ALA A 473 0.60 28.83 -15.06
C ALA A 473 -0.80 29.42 -14.81
N ILE A 474 -0.87 30.56 -14.16
CA ILE A 474 -2.14 31.19 -13.86
C ILE A 474 -2.83 31.58 -15.15
N GLN A 475 -2.07 32.16 -16.08
CA GLN A 475 -2.59 32.49 -17.41
C GLN A 475 -3.22 31.26 -17.99
N ARG A 476 -2.43 30.22 -18.09
CA ARG A 476 -2.85 28.93 -18.64
C ARG A 476 -4.17 28.45 -18.07
N TYR A 477 -4.28 28.47 -16.75
CA TYR A 477 -5.45 27.90 -16.10
C TYR A 477 -6.75 28.72 -16.27
N GLU A 478 -6.65 30.05 -16.27
CA GLU A 478 -7.81 30.93 -16.51
C GLU A 478 -8.25 30.81 -17.97
N SER A 479 -7.27 30.80 -18.88
CA SER A 479 -7.53 30.71 -20.31
C SER A 479 -8.14 29.37 -20.71
N LEU A 480 -7.84 28.32 -19.93
CA LEU A 480 -8.41 26.97 -20.09
C LEU A 480 -9.74 26.80 -19.34
N GLY A 481 -10.16 27.82 -18.60
CA GLY A 481 -11.47 27.87 -17.97
C GLY A 481 -11.54 27.26 -16.59
N TYR A 482 -10.47 27.34 -15.82
CA TYR A 482 -10.46 26.81 -14.45
C TYR A 482 -10.26 27.98 -13.51
N GLY A 483 -10.60 29.17 -13.99
CA GLY A 483 -10.45 30.40 -13.20
C GLY A 483 -11.38 30.47 -12.02
N ASN A 484 -12.50 29.77 -12.10
CA ASN A 484 -13.48 29.77 -11.02
C ASN A 484 -13.15 28.89 -9.81
N LEU A 485 -12.08 28.13 -9.89
CA LEU A 485 -11.76 27.20 -8.79
C LEU A 485 -11.30 27.96 -7.58
N PRO A 486 -11.52 27.38 -6.39
CA PRO A 486 -11.01 27.91 -5.14
C PRO A 486 -9.54 27.58 -4.94
N VAL A 487 -8.92 28.26 -3.99
CA VAL A 487 -7.51 28.23 -3.82
C VAL A 487 -7.12 27.52 -2.53
N VAL A 488 -6.31 26.45 -2.70
CA VAL A 488 -5.65 25.75 -1.58
C VAL A 488 -4.18 26.15 -1.60
N MET A 489 -3.82 27.11 -0.75
CA MET A 489 -2.45 27.62 -0.61
C MET A 489 -1.52 26.63 0.07
N ALA A 490 -0.42 26.29 -0.60
CA ALA A 490 0.70 25.65 0.06
C ALA A 490 1.68 26.70 0.65
N LYS A 491 1.87 26.60 1.96
CA LYS A 491 2.71 27.51 2.74
C LYS A 491 3.15 26.83 4.05
N THR A 492 4.24 27.33 4.63
CA THR A 492 4.74 26.83 5.87
C THR A 492 3.73 27.02 6.96
N GLN A 493 3.72 26.03 7.84
CA GLN A 493 2.81 26.02 8.97
C GLN A 493 3.34 26.87 10.12
N TYR A 494 4.65 27.14 10.09
CA TYR A 494 5.38 27.77 11.20
C TYR A 494 5.30 29.32 11.31
N SER A 495 4.54 29.96 10.44
CA SER A 495 4.44 31.41 10.40
C SER A 495 3.20 31.80 9.60
N PHE A 496 2.68 32.99 9.85
CA PHE A 496 1.66 33.59 8.98
C PHE A 496 2.31 33.91 7.63
N SER A 497 3.59 34.29 7.65
CA SER A 497 4.34 34.52 6.43
C SER A 497 4.65 33.19 5.73
N ASP A 498 5.28 33.28 4.55
CA ASP A 498 5.87 32.12 3.91
C ASP A 498 7.30 31.94 4.40
N ASP A 499 7.84 32.85 5.20
CA ASP A 499 9.14 32.62 5.85
C ASP A 499 8.87 31.94 7.18
N MET A 500 9.32 30.68 7.30
CA MET A 500 9.20 29.87 8.53
C MET A 500 9.90 30.50 9.73
N THR A 501 10.78 31.44 9.41
CA THR A 501 11.50 32.32 10.34
C THR A 501 10.66 33.40 11.05
N LYS A 502 9.67 33.96 10.37
CA LYS A 502 8.86 35.04 10.93
C LYS A 502 7.92 34.47 11.97
N LEU A 503 8.32 34.60 13.23
CA LEU A 503 7.47 34.23 14.37
C LEU A 503 6.52 35.35 14.76
N GLY A 504 5.47 34.98 15.50
CA GLY A 504 4.53 35.92 16.09
C GLY A 504 3.47 36.39 15.12
N ARG A 505 3.25 37.71 15.12
CA ARG A 505 2.44 38.36 14.09
C ARG A 505 3.38 39.23 13.24
N PRO A 506 4.03 38.62 12.23
CA PRO A 506 4.92 39.41 11.39
C PRO A 506 4.11 40.45 10.59
N ARG A 507 4.74 41.59 10.34
CA ARG A 507 4.11 42.73 9.67
C ARG A 507 4.96 43.21 8.49
N ASN A 508 4.38 44.07 7.66
CA ASN A 508 5.05 44.61 6.49
C ASN A 508 5.91 43.55 5.79
N PHE A 509 5.28 42.50 5.23
CA PHE A 509 5.98 41.43 4.46
C PHE A 509 5.26 41.02 3.18
N THR A 510 5.90 40.17 2.39
CA THR A 510 5.32 39.75 1.11
C THR A 510 5.40 38.24 0.92
N ILE A 511 4.35 37.64 0.37
CA ILE A 511 4.38 36.23 0.04
C ILE A 511 4.62 36.12 -1.43
N THR A 512 5.39 35.09 -1.75
CA THR A 512 5.91 34.85 -3.07
C THR A 512 5.46 33.43 -3.47
N VAL A 513 4.65 33.39 -4.54
CA VAL A 513 4.21 32.12 -5.13
C VAL A 513 5.15 31.80 -6.30
N ARG A 514 5.79 30.61 -6.21
CA ARG A 514 6.87 30.19 -7.12
C ARG A 514 6.38 29.21 -8.18
N GLU A 515 5.20 28.65 -7.96
CA GLU A 515 4.74 27.49 -8.70
C GLU A 515 3.26 27.43 -8.46
N VAL A 516 2.46 27.16 -9.49
CA VAL A 516 1.01 26.98 -9.33
C VAL A 516 0.52 25.65 -9.94
N ARG A 517 -0.06 24.80 -9.12
CA ARG A 517 -0.66 23.56 -9.61
C ARG A 517 -2.17 23.62 -9.71
N LEU A 518 -2.68 22.75 -10.58
CA LEU A 518 -4.09 22.68 -10.86
C LEU A 518 -4.64 21.30 -10.40
N SER A 519 -5.68 21.30 -9.59
CA SER A 519 -6.37 20.07 -9.27
C SER A 519 -7.74 20.09 -9.90
N ALA A 520 -7.80 19.73 -11.17
CA ALA A 520 -9.03 19.84 -11.93
C ALA A 520 -10.00 18.76 -11.50
N GLY A 521 -9.47 17.65 -11.01
CA GLY A 521 -10.31 16.57 -10.46
C GLY A 521 -10.87 16.88 -9.07
N ALA A 522 -10.03 17.33 -8.15
CA ALA A 522 -10.53 17.75 -6.84
C ALA A 522 -11.24 19.09 -6.95
N GLY A 523 -10.94 19.82 -8.01
CA GLY A 523 -11.55 21.11 -8.23
C GLY A 523 -11.00 22.21 -7.33
N PHE A 524 -9.68 22.36 -7.28
CA PHE A 524 -9.08 23.57 -6.71
C PHE A 524 -7.72 23.84 -7.33
N ILE A 525 -7.14 24.99 -7.00
CA ILE A 525 -5.85 25.44 -7.48
C ILE A 525 -4.88 25.54 -6.28
N VAL A 526 -3.60 25.19 -6.50
CA VAL A 526 -2.61 25.17 -5.42
C VAL A 526 -1.39 26.06 -5.69
N PRO A 527 -1.45 27.32 -5.24
CA PRO A 527 -0.26 28.18 -5.34
C PRO A 527 0.77 27.85 -4.25
N ILE A 528 1.96 27.50 -4.65
CA ILE A 528 2.97 27.03 -3.75
C ILE A 528 3.82 28.23 -3.37
N THR A 529 4.06 28.44 -2.09
CA THR A 529 4.74 29.65 -1.62
C THR A 529 6.06 29.36 -0.89
N GLY A 530 6.79 30.43 -0.57
CA GLY A 530 8.11 30.31 0.04
C GLY A 530 8.91 29.15 -0.55
N ALA A 531 9.50 28.38 0.36
CA ALA A 531 10.36 27.24 0.05
C ALA A 531 9.70 25.86 0.39
N ILE A 532 8.39 25.82 0.59
CA ILE A 532 7.80 24.59 1.09
C ILE A 532 7.91 23.50 0.04
N MET A 533 8.23 22.30 0.51
CA MET A 533 8.40 21.14 -0.33
C MET A 533 7.18 20.25 -0.18
N THR A 534 6.96 19.45 -1.21
CA THR A 534 5.74 18.70 -1.39
C THR A 534 6.03 17.21 -1.03
N MET A 535 7.30 16.95 -0.75
CA MET A 535 7.75 15.73 -0.11
C MET A 535 8.67 16.12 1.05
N PRO A 536 8.36 15.69 2.27
CA PRO A 536 9.22 16.02 3.38
C PRO A 536 10.35 14.99 3.59
N GLY A 537 11.38 15.38 4.35
CA GLY A 537 12.50 14.49 4.65
C GLY A 537 12.60 13.94 6.07
N LEU A 538 13.53 13.02 6.26
CA LEU A 538 13.79 12.44 7.57
C LEU A 538 14.85 13.26 8.29
N PRO A 539 14.83 13.24 9.63
CA PRO A 539 15.85 13.95 10.42
C PRO A 539 17.11 13.10 10.60
N LYS A 540 18.18 13.72 11.10
CA LYS A 540 19.40 13.00 11.53
C LYS A 540 19.10 11.69 12.31
N ARG A 541 18.22 11.75 13.29
CA ARG A 541 17.79 10.55 14.03
C ARG A 541 16.29 10.31 13.81
N PRO A 542 15.94 9.51 12.77
CA PRO A 542 14.53 9.24 12.51
C PRO A 542 13.92 8.37 13.62
N ALA A 543 12.70 8.69 14.06
CA ALA A 543 11.99 7.82 15.04
C ALA A 543 12.20 6.30 14.77
N ALA A 544 12.14 5.93 13.49
CA ALA A 544 12.36 4.57 13.04
C ALA A 544 13.47 3.84 13.77
N CYS A 545 14.58 4.52 14.05
CA CYS A 545 15.73 3.86 14.69
C CYS A 545 15.37 3.33 16.10
N ASN A 546 14.48 4.05 16.79
CA ASN A 546 14.06 3.70 18.12
C ASN A 546 12.85 2.72 18.10
N ILE A 547 12.34 2.33 16.93
CA ILE A 547 11.06 1.56 16.78
C ILE A 547 11.23 0.05 16.79
N ASP A 548 10.36 -0.63 17.55
CA ASP A 548 10.45 -2.07 17.69
C ASP A 548 9.20 -2.72 18.20
N ILE A 549 9.13 -4.02 18.01
CA ILE A 549 8.04 -4.86 18.48
C ILE A 549 8.63 -6.20 18.94
N ASP A 550 8.16 -6.73 20.07
CA ASP A 550 8.57 -8.08 20.55
C ASP A 550 7.50 -9.18 20.30
N ALA A 551 7.54 -10.29 21.03
CA ALA A 551 6.47 -11.31 20.90
C ALA A 551 5.02 -10.81 21.08
N ASP A 552 4.81 -9.48 21.14
CA ASP A 552 3.49 -8.87 21.34
C ASP A 552 3.47 -7.30 21.25
N GLY A 553 4.26 -6.63 22.10
CA GLY A 553 4.14 -5.19 22.28
C GLY A 553 5.20 -4.32 21.64
N VAL A 554 4.79 -3.09 21.35
CA VAL A 554 5.51 -2.19 20.50
C VAL A 554 6.03 -1.02 21.33
N ILE A 555 7.22 -0.55 20.97
CA ILE A 555 7.78 0.69 21.49
C ILE A 555 8.28 1.59 20.36
N THR A 556 8.39 2.88 20.67
CA THR A 556 8.91 3.92 19.79
C THR A 556 7.81 4.54 18.89
N GLY A 557 6.56 4.11 19.03
CA GLY A 557 5.47 4.67 18.24
C GLY A 557 4.87 5.79 19.05
N LEU A 558 4.63 6.96 18.45
CA LEU A 558 4.17 8.16 19.21
C LEU A 558 3.18 9.07 18.46
N ASP B 7 -20.63 -17.12 -17.58
CA ASP B 7 -19.31 -17.69 -18.06
C ASP B 7 -18.13 -16.68 -17.96
N ILE B 8 -18.36 -15.39 -17.86
CA ILE B 8 -17.26 -14.43 -17.54
C ILE B 8 -16.67 -14.65 -16.12
N GLU B 9 -15.36 -14.61 -16.00
CA GLU B 9 -14.67 -14.89 -14.71
C GLU B 9 -15.23 -14.06 -13.56
N ILE B 10 -15.22 -12.76 -13.75
CA ILE B 10 -15.73 -11.87 -12.72
C ILE B 10 -17.25 -12.05 -12.53
N ALA B 11 -18.00 -12.38 -13.58
CA ALA B 11 -19.46 -12.68 -13.43
C ALA B 11 -19.77 -13.81 -12.44
N GLN B 12 -18.86 -14.76 -12.18
CA GLN B 12 -18.97 -15.49 -10.90
C GLN B 12 -18.29 -14.67 -9.74
N ALA B 13 -19.04 -13.60 -9.42
CA ALA B 13 -19.08 -12.94 -8.14
C ALA B 13 -20.42 -13.40 -7.46
N ALA B 14 -20.59 -14.73 -7.29
CA ALA B 14 -21.69 -15.36 -6.55
C ALA B 14 -21.14 -16.44 -5.58
N LYS B 15 -21.81 -16.71 -4.45
CA LYS B 15 -21.85 -18.08 -3.83
C LYS B 15 -21.34 -18.47 -2.39
N MET B 16 -20.84 -17.57 -1.56
CA MET B 16 -19.92 -17.95 -0.46
C MET B 16 -20.49 -18.18 0.92
N LYS B 17 -19.69 -18.81 1.77
CA LYS B 17 -19.97 -18.87 3.21
C LYS B 17 -18.98 -18.19 4.15
N PRO B 18 -19.46 -17.79 5.33
CA PRO B 18 -18.58 -17.07 6.21
C PRO B 18 -17.29 -17.84 6.48
N VAL B 19 -16.14 -17.17 6.39
CA VAL B 19 -14.89 -17.86 6.64
C VAL B 19 -14.76 -18.34 8.08
N MET B 20 -15.47 -17.69 8.99
CA MET B 20 -15.42 -18.10 10.38
C MET B 20 -15.97 -19.52 10.50
N GLU B 21 -16.98 -19.88 9.69
CA GLU B 21 -17.47 -21.26 9.70
C GLU B 21 -16.35 -22.17 9.17
N LEU B 22 -15.74 -21.76 8.07
CA LEU B 22 -14.66 -22.52 7.50
C LEU B 22 -13.54 -22.71 8.49
N ALA B 23 -13.21 -21.66 9.22
CA ALA B 23 -12.16 -21.77 10.20
C ALA B 23 -12.52 -22.76 11.30
N ARG B 24 -13.70 -22.65 11.90
CA ARG B 24 -13.99 -23.55 13.00
C ARG B 24 -13.91 -25.01 12.49
N GLY B 25 -14.40 -25.24 11.28
CA GLY B 25 -14.38 -26.55 10.64
C GLY B 25 -13.03 -27.14 10.28
N LEU B 26 -11.94 -26.39 10.51
CA LEU B 26 -10.58 -26.94 10.43
C LEU B 26 -9.97 -27.09 11.81
N GLY B 27 -10.78 -26.91 12.85
CA GLY B 27 -10.30 -26.94 14.23
C GLY B 27 -9.53 -25.71 14.66
N ILE B 28 -9.86 -24.57 14.08
CA ILE B 28 -9.21 -23.30 14.45
C ILE B 28 -10.14 -22.58 15.42
N GLN B 29 -9.58 -22.05 16.48
CA GLN B 29 -10.39 -21.36 17.47
C GLN B 29 -10.76 -19.94 17.04
N GLU B 30 -12.01 -19.57 17.34
CA GLU B 30 -12.54 -18.21 17.20
C GLU B 30 -11.52 -17.10 17.50
N ASP B 31 -10.84 -17.16 18.64
CA ASP B 31 -9.90 -16.08 18.98
C ASP B 31 -8.55 -16.18 18.28
N GLU B 32 -8.47 -17.05 17.27
CA GLU B 32 -7.33 -17.13 16.37
C GLU B 32 -7.66 -16.61 14.98
N VAL B 33 -8.90 -16.17 14.80
CA VAL B 33 -9.36 -15.68 13.51
C VAL B 33 -9.51 -14.15 13.62
N GLU B 34 -8.93 -13.43 12.66
CA GLU B 34 -9.06 -11.97 12.57
C GLU B 34 -9.78 -11.67 11.25
N LEU B 35 -10.99 -11.13 11.34
CA LEU B 35 -11.83 -10.92 10.17
C LEU B 35 -11.53 -9.63 9.38
N TYR B 36 -11.59 -9.77 8.06
CA TYR B 36 -11.52 -8.70 7.10
C TYR B 36 -12.77 -8.91 6.25
N GLY B 37 -13.90 -8.46 6.78
CA GLY B 37 -15.21 -8.74 6.21
C GLY B 37 -15.60 -10.15 6.64
N LYS B 38 -16.80 -10.59 6.27
CA LYS B 38 -17.25 -11.91 6.70
C LYS B 38 -16.59 -13.03 5.86
N TYR B 39 -15.88 -12.68 4.79
CA TYR B 39 -15.35 -13.69 3.86
C TYR B 39 -13.85 -13.68 3.64
N LYS B 40 -13.10 -13.03 4.52
CA LYS B 40 -11.65 -13.18 4.54
C LYS B 40 -11.17 -13.10 5.97
N ALA B 41 -10.13 -13.86 6.31
CA ALA B 41 -9.51 -13.72 7.63
C ALA B 41 -8.01 -13.95 7.66
N LYS B 42 -7.41 -13.58 8.78
CA LYS B 42 -6.03 -13.91 9.09
C LYS B 42 -6.01 -14.84 10.31
N ILE B 43 -5.16 -15.85 10.21
CA ILE B 43 -5.13 -16.94 11.16
C ILE B 43 -3.85 -16.76 11.99
N SER B 44 -3.96 -16.93 13.30
CA SER B 44 -2.81 -16.76 14.18
C SER B 44 -1.72 -17.79 13.93
N LEU B 45 -0.49 -17.43 14.25
CA LEU B 45 0.61 -18.37 14.17
C LEU B 45 0.58 -19.39 15.32
N ASP B 46 -0.24 -19.10 16.32
CA ASP B 46 -0.52 -20.05 17.41
C ASP B 46 -1.17 -21.33 16.93
N VAL B 47 -1.93 -21.29 15.84
CA VAL B 47 -2.45 -22.53 15.28
C VAL B 47 -1.31 -23.54 14.98
N TYR B 48 -0.33 -23.15 14.19
CA TYR B 48 0.75 -24.07 13.91
C TYR B 48 1.53 -24.47 15.19
N ARG B 49 1.77 -23.51 16.07
CA ARG B 49 2.60 -23.70 17.26
C ARG B 49 2.02 -24.79 18.18
N ARG B 50 0.72 -24.75 18.37
CA ARG B 50 0.07 -25.62 19.35
C ARG B 50 -0.07 -27.00 18.72
N LEU B 51 -0.15 -27.03 17.38
CA LEU B 51 -0.19 -28.27 16.65
C LEU B 51 1.14 -28.79 16.22
N LYS B 52 2.24 -28.21 16.71
CA LYS B 52 3.58 -28.58 16.20
C LYS B 52 3.79 -30.12 16.12
N ASP B 53 3.32 -30.86 17.12
CA ASP B 53 3.64 -32.28 17.28
C ASP B 53 2.62 -33.24 16.67
N LYS B 54 1.56 -32.69 16.10
CA LYS B 54 0.58 -33.46 15.39
C LYS B 54 1.08 -33.88 13.99
N PRO B 55 0.38 -34.83 13.33
CA PRO B 55 0.84 -35.32 12.01
C PRO B 55 0.61 -34.37 10.80
N ASP B 56 1.49 -34.44 9.79
CA ASP B 56 1.34 -33.72 8.51
C ASP B 56 0.44 -34.47 7.52
N GLY B 57 -0.38 -33.74 6.77
CA GLY B 57 -1.14 -34.34 5.67
C GLY B 57 -0.22 -34.61 4.49
N LYS B 58 -0.84 -35.02 3.39
CA LYS B 58 -0.12 -35.26 2.16
C LYS B 58 0.10 -33.92 1.47
N LEU B 59 1.32 -33.70 0.97
CA LEU B 59 1.64 -32.50 0.24
C LEU B 59 1.64 -32.75 -1.25
N ILE B 60 0.81 -32.03 -1.98
CA ILE B 60 0.78 -32.16 -3.42
C ILE B 60 1.19 -30.88 -4.12
N LEU B 61 2.22 -30.96 -4.97
CA LEU B 61 2.64 -29.80 -5.75
C LEU B 61 2.00 -29.76 -7.12
N VAL B 62 1.50 -28.60 -7.54
CA VAL B 62 1.08 -28.48 -8.93
C VAL B 62 1.96 -27.50 -9.70
N THR B 63 2.54 -28.02 -10.78
CA THR B 63 3.51 -27.30 -11.60
C THR B 63 3.01 -27.43 -13.02
N ALA B 64 3.87 -27.14 -13.99
CA ALA B 64 3.40 -27.10 -15.36
C ALA B 64 4.48 -27.17 -16.39
N ILE B 65 4.05 -27.25 -17.64
CA ILE B 65 4.92 -27.13 -18.81
C ILE B 65 5.23 -25.66 -19.08
N THR B 66 6.10 -25.43 -20.06
CA THR B 66 6.52 -24.10 -20.46
C THR B 66 5.37 -23.32 -21.10
N PRO B 67 5.02 -22.16 -20.51
CA PRO B 67 3.78 -21.48 -20.91
C PRO B 67 3.75 -20.56 -22.12
N THR B 68 2.56 -20.52 -22.67
CA THR B 68 1.99 -19.39 -23.39
C THR B 68 1.82 -18.18 -22.43
N PRO B 69 1.95 -16.94 -22.95
CA PRO B 69 1.86 -15.72 -22.11
C PRO B 69 0.59 -15.62 -21.28
N ALA B 70 -0.44 -16.34 -21.74
CA ALA B 70 -1.75 -16.43 -21.09
C ALA B 70 -1.76 -17.33 -19.85
N GLY B 71 -0.79 -18.24 -19.76
CA GLY B 71 -0.78 -19.21 -18.69
C GLY B 71 -1.51 -20.47 -19.07
N GLU B 72 -1.02 -21.60 -18.58
CA GLU B 72 -1.54 -22.92 -18.94
C GLU B 72 -2.47 -23.59 -17.88
N GLY B 73 -2.70 -22.93 -16.76
CA GLY B 73 -3.77 -23.34 -15.84
C GLY B 73 -3.41 -24.02 -14.55
N LYS B 74 -2.26 -23.70 -13.98
CA LYS B 74 -1.89 -24.27 -12.71
C LYS B 74 -2.87 -23.90 -11.62
N THR B 75 -3.09 -22.62 -11.47
CA THR B 75 -3.94 -22.11 -10.42
C THR B 75 -5.34 -22.68 -10.59
N THR B 76 -5.88 -22.50 -11.79
CA THR B 76 -7.17 -23.06 -12.18
C THR B 76 -7.21 -24.56 -11.82
N THR B 77 -6.11 -25.28 -12.05
CA THR B 77 -6.08 -26.70 -11.77
C THR B 77 -5.92 -26.99 -10.28
N SER B 78 -5.15 -26.17 -9.56
CA SER B 78 -4.93 -26.41 -8.13
C SER B 78 -6.23 -26.30 -7.36
N VAL B 79 -7.04 -25.35 -7.79
CA VAL B 79 -8.31 -25.09 -7.18
C VAL B 79 -9.27 -26.22 -7.55
N GLY B 80 -9.40 -26.52 -8.84
CA GLY B 80 -10.22 -27.65 -9.32
C GLY B 80 -9.94 -28.97 -8.62
N LEU B 81 -8.66 -29.32 -8.57
CA LEU B 81 -8.20 -30.53 -7.89
C LEU B 81 -8.73 -30.57 -6.45
N THR B 82 -8.63 -29.41 -5.79
CA THR B 82 -9.02 -29.29 -4.40
C THR B 82 -10.54 -29.52 -4.21
N ASP B 83 -11.33 -28.95 -5.10
CA ASP B 83 -12.77 -29.13 -5.12
C ASP B 83 -13.19 -30.57 -5.47
N ALA B 84 -12.41 -31.18 -6.36
CA ALA B 84 -12.62 -32.55 -6.77
C ALA B 84 -12.33 -33.53 -5.62
N LEU B 85 -11.26 -33.28 -4.88
CA LEU B 85 -10.93 -34.12 -3.72
C LEU B 85 -12.01 -34.02 -2.66
N ALA B 86 -12.52 -32.81 -2.49
CA ALA B 86 -13.63 -32.55 -1.59
C ALA B 86 -14.91 -33.29 -2.03
N ARG B 87 -15.16 -33.27 -3.33
CA ARG B 87 -16.23 -34.05 -3.91
C ARG B 87 -16.02 -35.57 -3.78
N LEU B 88 -14.79 -36.00 -3.44
CA LEU B 88 -14.53 -37.38 -3.01
C LEU B 88 -14.55 -37.57 -1.49
N GLY B 89 -15.09 -36.59 -0.78
CA GLY B 89 -15.23 -36.67 0.66
C GLY B 89 -13.95 -36.49 1.44
N LYS B 90 -12.93 -35.90 0.81
CA LYS B 90 -11.66 -35.63 1.50
C LYS B 90 -11.59 -34.27 2.23
N ARG B 91 -10.96 -34.27 3.40
CA ARG B 91 -10.59 -33.06 4.11
C ARG B 91 -9.31 -32.45 3.45
N VAL B 92 -9.48 -31.38 2.68
CA VAL B 92 -8.45 -30.87 1.76
C VAL B 92 -8.35 -29.34 1.81
N MET B 93 -7.16 -28.78 1.53
CA MET B 93 -6.96 -27.31 1.40
C MET B 93 -6.09 -26.97 0.19
N VAL B 94 -6.29 -25.78 -0.40
CA VAL B 94 -5.31 -25.23 -1.33
C VAL B 94 -4.53 -24.15 -0.66
N CYS B 95 -3.23 -24.13 -0.89
CA CYS B 95 -2.39 -22.96 -0.59
C CYS B 95 -1.96 -22.32 -1.88
N LEU B 96 -2.26 -21.04 -2.02
CA LEU B 96 -1.87 -20.28 -3.19
C LEU B 96 -1.06 -19.04 -2.86
N ARG B 97 -0.41 -18.50 -3.88
CA ARG B 97 0.18 -17.18 -3.79
C ARG B 97 -0.87 -16.08 -3.98
N GLU B 98 -0.71 -14.98 -3.25
CA GLU B 98 -1.46 -13.77 -3.51
C GLU B 98 -1.02 -13.17 -4.87
N PRO B 99 -1.98 -12.80 -5.70
CA PRO B 99 -1.63 -12.29 -7.02
C PRO B 99 -0.99 -10.95 -6.91
N SER B 100 -0.03 -10.68 -7.75
CA SER B 100 0.48 -9.33 -7.80
C SER B 100 -0.58 -8.46 -8.44
N LEU B 101 -0.63 -7.23 -7.97
CA LEU B 101 -1.66 -6.30 -8.37
C LEU B 101 -1.40 -5.80 -9.80
N GLY B 102 -0.13 -5.51 -10.09
CA GLY B 102 0.27 -4.99 -11.40
C GLY B 102 -0.35 -5.65 -12.62
N PRO B 103 -0.10 -6.97 -12.79
CA PRO B 103 -0.65 -7.78 -13.88
C PRO B 103 -2.18 -7.74 -14.12
N SER B 104 -3.00 -7.39 -13.12
CA SER B 104 -4.44 -7.18 -13.33
C SER B 104 -4.69 -5.98 -14.24
N PHE B 105 -3.72 -5.09 -14.37
CA PHE B 105 -3.88 -3.93 -15.19
C PHE B 105 -3.06 -4.07 -16.43
N GLY B 106 -2.33 -5.18 -16.51
CA GLY B 106 -1.44 -5.40 -17.61
C GLY B 106 -2.05 -6.31 -18.65
N ILE B 107 -1.45 -7.48 -18.67
CA ILE B 107 -1.51 -8.46 -19.73
C ILE B 107 -2.29 -9.67 -19.26
N LYS B 108 -1.78 -10.26 -18.18
CA LYS B 108 -2.02 -11.62 -17.84
C LYS B 108 -3.12 -11.76 -16.78
N GLY B 109 -3.40 -10.67 -16.06
CA GLY B 109 -4.51 -10.58 -15.16
C GLY B 109 -4.11 -10.90 -13.73
N GLY B 110 -5.14 -11.22 -12.94
CA GLY B 110 -4.95 -11.71 -11.59
C GLY B 110 -4.63 -13.19 -11.61
N ALA B 111 -4.63 -13.78 -10.43
CA ALA B 111 -4.25 -15.17 -10.27
C ALA B 111 -5.22 -15.90 -9.29
N ALA B 112 -6.53 -15.74 -9.52
CA ALA B 112 -7.57 -16.42 -8.73
C ALA B 112 -8.15 -17.71 -9.37
N GLY B 113 -7.64 -18.11 -10.53
CA GLY B 113 -8.08 -19.33 -11.19
C GLY B 113 -8.87 -19.05 -12.46
N GLY B 114 -9.98 -19.74 -12.65
CA GLY B 114 -10.68 -19.65 -13.93
C GLY B 114 -12.01 -20.36 -13.89
N GLY B 115 -12.95 -19.86 -14.69
CA GLY B 115 -14.28 -20.43 -14.84
C GLY B 115 -14.87 -20.78 -13.49
N TYR B 116 -15.21 -22.05 -13.32
CA TYR B 116 -15.80 -22.53 -12.07
C TYR B 116 -14.78 -23.06 -11.06
N ALA B 117 -13.50 -22.85 -11.36
CA ALA B 117 -12.43 -23.16 -10.41
C ALA B 117 -11.71 -21.88 -10.06
N GLN B 118 -12.23 -21.18 -9.04
CA GLN B 118 -11.63 -19.92 -8.61
C GLN B 118 -11.70 -19.82 -7.11
N VAL B 119 -10.83 -18.99 -6.56
CA VAL B 119 -10.93 -18.64 -5.16
C VAL B 119 -11.67 -17.33 -5.07
N VAL B 120 -12.38 -17.11 -3.97
CA VAL B 120 -13.24 -15.93 -3.83
C VAL B 120 -13.12 -15.40 -2.39
N PRO B 121 -13.36 -14.10 -2.19
CA PRO B 121 -13.79 -13.04 -3.16
C PRO B 121 -12.71 -12.67 -4.17
N MET B 122 -12.95 -12.90 -5.45
CA MET B 122 -11.92 -12.74 -6.43
C MET B 122 -11.33 -11.32 -6.49
N GLU B 123 -12.20 -10.34 -6.63
CA GLU B 123 -11.76 -8.97 -6.83
C GLU B 123 -10.85 -8.48 -5.69
N ASP B 124 -11.17 -8.86 -4.45
CA ASP B 124 -10.34 -8.52 -3.29
C ASP B 124 -9.03 -9.25 -3.39
N ILE B 125 -9.11 -10.55 -3.71
CA ILE B 125 -7.94 -11.42 -3.73
C ILE B 125 -6.92 -10.92 -4.72
N ASN B 126 -7.40 -10.32 -5.80
CA ASN B 126 -6.57 -9.85 -6.88
C ASN B 126 -6.13 -8.40 -6.71
N LEU B 127 -6.84 -7.61 -5.93
CA LEU B 127 -6.44 -6.22 -5.67
C LEU B 127 -5.69 -6.06 -4.33
N HIS B 128 -6.25 -5.32 -3.39
CA HIS B 128 -5.57 -5.01 -2.13
C HIS B 128 -5.52 -6.18 -1.15
N PHE B 129 -6.44 -7.14 -1.35
CA PHE B 129 -6.65 -8.31 -0.48
C PHE B 129 -6.64 -7.85 0.98
N THR B 130 -5.80 -8.42 1.83
CA THR B 130 -5.67 -7.97 3.21
C THR B 130 -4.44 -7.06 3.42
N GLY B 131 -3.91 -6.49 2.33
CA GLY B 131 -2.78 -5.54 2.39
C GLY B 131 -1.35 -6.04 2.66
N ASP B 132 -1.07 -7.31 2.37
CA ASP B 132 0.25 -7.90 2.61
C ASP B 132 1.30 -7.33 1.71
N ILE B 133 0.93 -7.17 0.44
CA ILE B 133 1.85 -6.70 -0.57
C ILE B 133 2.21 -5.27 -0.22
N HIS B 134 1.24 -4.49 0.20
CA HIS B 134 1.51 -3.14 0.68
C HIS B 134 2.41 -3.09 1.87
N ALA B 135 2.33 -4.07 2.75
CA ALA B 135 3.24 -4.13 3.92
C ALA B 135 4.65 -4.40 3.46
N VAL B 136 4.76 -5.32 2.51
CA VAL B 136 6.04 -5.62 1.89
C VAL B 136 6.60 -4.31 1.30
N THR B 137 5.76 -3.59 0.57
CA THR B 137 6.23 -2.48 -0.23
C THR B 137 6.78 -1.38 0.67
N TYR B 138 6.04 -1.10 1.75
CA TYR B 138 6.45 -0.06 2.68
C TYR B 138 7.67 -0.48 3.54
N ALA B 139 7.82 -1.76 3.85
CA ALA B 139 9.01 -2.12 4.67
C ALA B 139 10.28 -1.96 3.85
N HIS B 140 10.19 -2.40 2.61
CA HIS B 140 11.26 -2.35 1.66
C HIS B 140 11.66 -0.89 1.39
N ASN B 141 10.65 -0.09 1.11
CA ASN B 141 10.90 1.31 0.71
C ASN B 141 11.26 2.20 1.89
N LEU B 142 10.89 1.81 3.11
CA LEU B 142 11.32 2.55 4.29
C LEU B 142 12.81 2.30 4.48
N LEU B 143 13.22 1.06 4.29
CA LEU B 143 14.62 0.77 4.27
C LEU B 143 15.32 1.62 3.21
N ALA B 144 14.75 1.65 2.00
CA ALA B 144 15.43 2.40 0.96
C ALA B 144 15.55 3.87 1.42
N ALA B 145 14.48 4.41 1.98
CA ALA B 145 14.46 5.80 2.44
C ALA B 145 15.47 6.08 3.53
N MET B 146 15.63 5.14 4.46
CA MET B 146 16.66 5.27 5.50
C MET B 146 18.08 5.22 4.95
N VAL B 147 18.27 4.49 3.84
CA VAL B 147 19.59 4.38 3.25
C VAL B 147 19.94 5.74 2.73
N ASP B 148 18.95 6.39 2.11
CA ASP B 148 19.26 7.63 1.42
C ASP B 148 19.39 8.75 2.41
N ASN B 149 18.51 8.75 3.41
CA ASN B 149 18.69 9.67 4.49
C ASN B 149 20.08 9.58 5.09
N HIS B 150 20.55 8.38 5.35
CA HIS B 150 21.86 8.18 5.90
C HIS B 150 22.95 8.86 5.04
N LEU B 151 22.94 8.63 3.73
CA LEU B 151 23.87 9.35 2.83
C LEU B 151 23.78 10.85 3.04
N GLN B 152 22.56 11.33 3.22
CA GLN B 152 22.31 12.75 3.35
C GLN B 152 22.79 13.33 4.63
N GLN B 153 22.72 12.56 5.71
CA GLN B 153 23.09 13.07 7.05
C GLN B 153 24.59 12.73 7.37
N GLY B 154 25.49 13.18 6.50
CA GLY B 154 26.90 12.92 6.67
C GLY B 154 27.44 11.57 6.25
N ASN B 155 26.59 10.62 5.88
CA ASN B 155 27.08 9.30 5.42
C ASN B 155 28.12 8.66 6.35
N VAL B 156 27.80 8.68 7.65
CA VAL B 156 28.77 8.32 8.68
C VAL B 156 29.42 6.94 8.42
N LEU B 157 28.65 5.98 7.91
CA LEU B 157 29.11 4.62 7.61
C LEU B 157 29.94 4.51 6.33
N ASN B 158 30.14 5.63 5.64
CA ASN B 158 30.89 5.63 4.38
C ASN B 158 30.43 4.66 3.30
N ILE B 159 29.12 4.61 3.11
CA ILE B 159 28.54 3.86 2.01
C ILE B 159 28.96 4.49 0.70
N ASP B 160 29.47 3.69 -0.23
CA ASP B 160 29.68 4.22 -1.56
C ASP B 160 28.32 4.19 -2.25
N PRO B 161 27.68 5.35 -2.38
CA PRO B 161 26.36 5.29 -2.96
C PRO B 161 26.28 4.58 -4.32
N ARG B 162 27.39 4.39 -5.05
CA ARG B 162 27.30 3.79 -6.37
C ARG B 162 27.32 2.32 -6.36
N THR B 163 27.37 1.72 -5.18
CA THR B 163 27.36 0.27 -5.04
C THR B 163 26.10 -0.18 -4.32
N ILE B 164 25.12 0.71 -4.13
CA ILE B 164 23.93 0.33 -3.37
C ILE B 164 23.11 -0.68 -4.21
N THR B 165 22.84 -1.86 -3.67
CA THR B 165 22.09 -2.88 -4.45
C THR B 165 20.61 -2.83 -4.11
N TRP B 166 20.30 -2.23 -2.95
CA TRP B 166 18.92 -2.18 -2.50
C TRP B 166 18.11 -1.29 -3.39
N ARG B 167 17.16 -1.84 -4.10
CA ARG B 167 16.31 -1.04 -4.93
C ARG B 167 15.05 -0.64 -4.19
N ARG B 168 14.18 0.14 -4.85
CA ARG B 168 12.86 0.50 -4.31
C ARG B 168 11.92 -0.44 -5.01
N VAL B 169 10.66 -0.38 -4.63
CA VAL B 169 9.69 -1.37 -5.09
C VAL B 169 8.29 -0.74 -5.15
N ILE B 170 7.48 -1.21 -6.09
CA ILE B 170 6.07 -0.82 -6.27
C ILE B 170 5.34 -1.92 -7.06
N ASP B 171 4.11 -2.26 -6.72
CA ASP B 171 3.43 -3.47 -7.24
C ASP B 171 2.65 -3.15 -8.51
N LEU B 172 3.29 -2.45 -9.41
CA LEU B 172 2.74 -2.10 -10.70
C LEU B 172 3.73 -2.51 -11.79
N ASN B 173 3.23 -2.72 -13.01
CA ASN B 173 4.10 -2.94 -14.18
C ASN B 173 4.61 -1.61 -14.68
N ASP B 174 5.68 -1.07 -14.07
CA ASP B 174 6.18 0.24 -14.51
C ASP B 174 7.61 0.27 -15.04
N ARG B 175 7.69 0.16 -16.35
CA ARG B 175 8.92 0.06 -17.10
C ARG B 175 9.79 1.29 -16.91
N ALA B 176 9.13 2.45 -16.82
CA ALA B 176 9.85 3.71 -16.64
C ALA B 176 10.60 3.86 -15.28
N LEU B 177 10.28 3.01 -14.29
CA LEU B 177 11.05 2.97 -13.04
C LEU B 177 12.18 1.94 -13.00
N ARG B 178 12.47 1.30 -14.13
CA ARG B 178 13.55 0.33 -14.16
C ARG B 178 14.96 0.91 -13.85
N ASN B 179 15.26 2.03 -14.49
CA ASN B 179 16.54 2.68 -14.34
C ASN B 179 16.25 4.15 -14.15
N ILE B 180 16.62 4.68 -12.99
CA ILE B 180 16.35 6.09 -12.68
C ILE B 180 17.51 6.77 -11.94
N VAL B 181 17.47 8.10 -11.89
CA VAL B 181 18.44 8.84 -11.15
C VAL B 181 17.67 9.61 -10.10
N ILE B 182 17.97 9.37 -8.83
CA ILE B 182 17.32 10.09 -7.72
C ILE B 182 18.27 11.02 -7.02
N GLY B 183 17.81 11.72 -5.98
CA GLY B 183 18.73 12.56 -5.17
C GLY B 183 19.19 13.81 -5.89
N LEU B 184 18.42 14.25 -6.87
CA LEU B 184 18.79 15.44 -7.63
C LEU B 184 18.17 16.63 -6.98
N GLY B 185 18.68 17.80 -7.33
CA GLY B 185 18.13 19.08 -6.90
C GLY B 185 19.02 19.91 -5.98
N GLY B 186 20.20 19.44 -5.59
CA GLY B 186 21.09 20.24 -4.78
C GLY B 186 21.31 19.68 -3.38
N LYS B 187 22.11 20.38 -2.59
CA LYS B 187 22.51 19.81 -1.29
C LYS B 187 21.39 19.57 -0.31
N ALA B 188 20.26 20.26 -0.43
CA ALA B 188 19.09 20.06 0.46
C ALA B 188 18.23 18.88 0.08
N ASN B 189 18.44 18.31 -1.11
CA ASN B 189 17.50 17.31 -1.61
C ASN B 189 18.07 15.94 -1.87
N GLY B 190 19.15 15.60 -1.18
CA GLY B 190 19.70 14.25 -1.28
C GLY B 190 20.98 14.19 -2.03
N VAL B 191 21.39 12.96 -2.30
CA VAL B 191 22.71 12.68 -2.89
C VAL B 191 22.43 11.96 -4.20
N PRO B 192 22.89 12.48 -5.36
CA PRO B 192 22.42 11.87 -6.63
C PRO B 192 22.89 10.44 -6.80
N ARG B 193 22.04 9.53 -7.28
CA ARG B 193 22.54 8.21 -7.51
C ARG B 193 21.68 7.39 -8.49
N GLU B 194 22.28 6.42 -9.18
CA GLU B 194 21.52 5.54 -10.11
C GLU B 194 20.88 4.38 -9.34
N THR B 195 19.58 4.21 -9.50
CA THR B 195 18.80 3.06 -8.96
C THR B 195 17.67 2.71 -9.91
N GLY B 196 16.68 2.04 -9.32
CA GLY B 196 15.38 1.92 -9.92
C GLY B 196 14.50 1.13 -9.02
N PHE B 197 13.44 0.60 -9.61
CA PHE B 197 12.47 -0.15 -8.89
C PHE B 197 12.39 -1.55 -9.43
N ASP B 198 12.12 -2.49 -8.54
CA ASP B 198 11.63 -3.82 -8.93
C ASP B 198 10.15 -3.89 -8.60
N ILE B 199 9.44 -4.86 -9.16
CA ILE B 199 8.01 -5.07 -8.76
C ILE B 199 7.94 -5.66 -7.33
N SER B 200 7.02 -5.19 -6.50
CA SER B 200 6.99 -5.53 -5.05
C SER B 200 7.05 -7.00 -4.70
N VAL B 201 6.37 -7.83 -5.47
CA VAL B 201 6.36 -9.27 -5.19
C VAL B 201 7.74 -9.89 -5.39
N ALA B 202 8.60 -9.23 -6.13
CA ALA B 202 9.97 -9.74 -6.28
C ALA B 202 10.89 -9.18 -5.18
N SER B 203 10.36 -8.41 -4.23
CA SER B 203 11.14 -7.95 -3.11
C SER B 203 11.76 -9.06 -2.18
N GLU B 204 12.99 -8.82 -1.73
CA GLU B 204 13.62 -9.69 -0.74
C GLU B 204 12.79 -9.73 0.53
N VAL B 205 12.20 -8.61 0.87
CA VAL B 205 11.25 -8.59 2.00
C VAL B 205 10.14 -9.63 1.79
N MET B 206 9.60 -9.75 0.58
CA MET B 206 8.58 -10.79 0.32
C MET B 206 9.16 -12.20 0.47
N ALA B 207 10.39 -12.38 0.01
CA ALA B 207 11.05 -13.66 0.09
C ALA B 207 11.18 -14.08 1.55
N CYS B 208 11.71 -13.20 2.39
CA CYS B 208 11.78 -13.37 3.85
C CYS B 208 10.41 -13.73 4.46
N LEU B 209 9.37 -12.98 4.12
CA LEU B 209 8.03 -13.30 4.59
C LEU B 209 7.71 -14.74 4.23
N CYS B 210 8.09 -15.12 3.00
CA CYS B 210 7.76 -16.43 2.47
C CYS B 210 8.57 -17.59 3.06
N LEU B 211 9.69 -17.29 3.72
CA LEU B 211 10.57 -18.35 4.28
C LEU B 211 10.64 -18.33 5.81
N ALA B 212 10.12 -17.28 6.44
CA ALA B 212 10.29 -17.14 7.86
C ALA B 212 9.24 -17.92 8.63
N SER B 213 9.51 -18.11 9.91
CA SER B 213 8.63 -18.90 10.76
C SER B 213 7.77 -18.07 11.73
N ASP B 214 8.14 -16.82 11.98
CA ASP B 214 7.36 -15.93 12.83
C ASP B 214 7.94 -14.52 12.76
N LEU B 215 7.32 -13.57 13.46
CA LEU B 215 7.73 -12.18 13.42
C LEU B 215 9.15 -11.91 13.93
N MET B 216 9.62 -12.65 14.92
CA MET B 216 10.97 -12.41 15.42
C MET B 216 12.04 -13.04 14.52
N ASP B 217 11.66 -14.05 13.76
CA ASP B 217 12.56 -14.66 12.79
C ASP B 217 12.73 -13.66 11.65
N LEU B 218 11.58 -13.25 11.11
CA LEU B 218 11.47 -12.22 10.08
C LEU B 218 12.30 -10.99 10.42
N LYS B 219 12.24 -10.51 11.67
CA LYS B 219 12.98 -9.32 12.05
C LYS B 219 14.47 -9.55 11.99
N GLU B 220 14.91 -10.73 12.39
CA GLU B 220 16.34 -11.02 12.42
C GLU B 220 16.83 -11.19 10.97
N ARG B 221 16.00 -11.75 10.12
CA ARG B 221 16.30 -11.77 8.69
C ARG B 221 16.41 -10.38 8.11
N PHE B 222 15.55 -9.48 8.55
CA PHE B 222 15.60 -8.17 7.97
C PHE B 222 16.94 -7.59 8.28
N SER B 223 17.38 -7.78 9.51
CA SER B 223 18.61 -7.18 9.98
C SER B 223 19.83 -7.64 9.21
N ARG B 224 19.80 -8.84 8.65
CA ARG B 224 20.93 -9.37 7.91
C ARG B 224 20.97 -8.92 6.43
N ILE B 225 19.96 -8.18 5.98
CA ILE B 225 19.86 -7.75 4.59
C ILE B 225 20.96 -6.76 4.24
N VAL B 226 21.71 -7.08 3.18
CA VAL B 226 22.78 -6.23 2.68
C VAL B 226 22.25 -5.28 1.63
N VAL B 227 22.45 -3.99 1.89
CA VAL B 227 21.94 -2.90 1.04
C VAL B 227 23.01 -2.33 0.12
N GLY B 228 24.26 -2.45 0.52
CA GLY B 228 25.36 -1.98 -0.25
C GLY B 228 26.68 -2.06 0.51
N TYR B 229 27.65 -1.30 0.01
CA TYR B 229 29.02 -1.38 0.49
C TYR B 229 29.66 -0.02 0.84
N THR B 230 30.62 -0.05 1.74
CA THR B 230 31.49 1.11 2.01
C THR B 230 32.49 1.30 0.88
N TYR B 231 33.20 2.40 0.85
CA TYR B 231 34.21 2.61 -0.20
C TYR B 231 35.31 1.55 -0.21
N ASP B 232 35.61 0.90 0.92
CA ASP B 232 36.62 -0.16 0.93
C ASP B 232 36.00 -1.56 0.91
N GLY B 233 34.72 -1.64 0.60
CA GLY B 233 34.09 -2.91 0.25
C GLY B 233 33.54 -3.69 1.41
N LYS B 234 33.37 -3.06 2.56
CA LYS B 234 32.76 -3.74 3.69
C LYS B 234 31.26 -3.73 3.41
N PRO B 235 30.56 -4.87 3.59
CA PRO B 235 29.10 -4.79 3.42
C PRO B 235 28.41 -4.03 4.57
N VAL B 236 27.26 -3.40 4.29
CA VAL B 236 26.44 -2.63 5.24
C VAL B 236 25.04 -3.22 5.21
N THR B 237 24.43 -3.44 6.37
CA THR B 237 23.16 -4.13 6.46
C THR B 237 22.05 -3.23 7.00
N ALA B 238 20.84 -3.73 6.88
CA ALA B 238 19.68 -3.07 7.44
C ALA B 238 19.80 -3.00 8.94
N GLY B 239 20.50 -3.97 9.52
CA GLY B 239 20.85 -3.96 10.95
C GLY B 239 21.76 -2.80 11.34
N ASP B 240 22.79 -2.56 10.53
CA ASP B 240 23.71 -1.47 10.82
C ASP B 240 22.96 -0.16 10.80
N LEU B 241 21.89 -0.06 10.04
CA LEU B 241 21.11 1.16 9.99
C LEU B 241 19.91 1.15 10.96
N GLU B 242 19.72 0.03 11.68
CA GLU B 242 18.68 -0.12 12.71
C GLU B 242 17.26 -0.04 12.18
N ALA B 243 17.05 -0.67 11.04
CA ALA B 243 15.78 -0.60 10.34
C ALA B 243 14.87 -1.79 10.64
N GLN B 244 15.43 -2.86 11.21
CA GLN B 244 14.68 -4.16 11.28
C GLN B 244 13.44 -4.14 12.17
N GLY B 245 13.47 -3.31 13.21
CA GLY B 245 12.34 -3.16 14.10
C GLY B 245 11.16 -2.48 13.45
N SER B 246 11.43 -1.41 12.72
CA SER B 246 10.38 -0.73 11.99
C SER B 246 9.85 -1.60 10.88
N MET B 247 10.74 -2.25 10.18
CA MET B 247 10.36 -3.10 9.06
C MET B 247 9.45 -4.19 9.57
N ALA B 248 9.81 -4.77 10.70
CA ALA B 248 8.99 -5.82 11.30
C ALA B 248 7.66 -5.27 11.82
N LEU B 249 7.70 -4.08 12.42
CA LEU B 249 6.46 -3.48 12.86
C LEU B 249 5.48 -3.44 11.68
N LEU B 250 5.95 -2.97 10.52
CA LEU B 250 5.09 -2.78 9.35
C LEU B 250 4.56 -4.12 8.80
N MET B 251 5.18 -5.22 9.22
CA MET B 251 4.81 -6.55 8.77
C MET B 251 3.99 -7.33 9.82
N LYS B 252 3.54 -6.66 10.89
CA LYS B 252 3.03 -7.40 12.06
C LYS B 252 1.82 -8.25 11.75
N ASP B 253 1.02 -7.82 10.80
CA ASP B 253 -0.11 -8.62 10.31
C ASP B 253 0.16 -9.42 9.00
N ALA B 254 1.06 -8.89 8.18
CA ALA B 254 1.41 -9.54 6.92
C ALA B 254 1.89 -10.97 7.15
N ILE B 255 2.53 -11.19 8.31
CA ILE B 255 3.07 -12.47 8.70
C ILE B 255 2.02 -13.58 8.90
N LYS B 256 0.77 -13.20 9.19
CA LYS B 256 -0.26 -14.20 9.41
C LYS B 256 -0.88 -14.50 8.07
N PRO B 257 -1.09 -15.77 7.77
CA PRO B 257 -1.65 -16.19 6.50
C PRO B 257 -3.13 -15.94 6.42
N ASN B 258 -3.67 -15.98 5.22
CA ASN B 258 -5.05 -15.59 4.97
C ASN B 258 -5.92 -16.77 4.53
N LEU B 259 -7.13 -16.84 5.05
CA LEU B 259 -8.08 -17.90 4.75
C LEU B 259 -9.16 -17.31 3.88
N VAL B 260 -9.36 -17.90 2.71
CA VAL B 260 -10.53 -17.63 1.90
C VAL B 260 -11.10 -19.00 1.47
N GLN B 261 -11.80 -19.02 0.35
CA GLN B 261 -12.35 -20.24 -0.13
C GLN B 261 -12.47 -20.29 -1.63
N THR B 262 -12.94 -21.45 -2.05
CA THR B 262 -13.10 -21.82 -3.42
C THR B 262 -14.60 -21.59 -3.68
N LEU B 263 -15.03 -21.58 -4.94
CA LEU B 263 -16.45 -21.38 -5.29
C LEU B 263 -17.35 -22.49 -4.70
N GLU B 264 -16.82 -23.70 -4.60
CA GLU B 264 -17.54 -24.80 -3.98
C GLU B 264 -17.23 -24.87 -2.48
N ASN B 265 -16.84 -23.74 -1.91
CA ASN B 265 -16.64 -23.55 -0.48
C ASN B 265 -15.54 -24.39 0.19
N THR B 266 -14.57 -24.87 -0.57
CA THR B 266 -13.41 -25.52 0.02
C THR B 266 -12.43 -24.46 0.58
N PRO B 267 -11.88 -24.69 1.79
CA PRO B 267 -10.98 -23.67 2.35
C PRO B 267 -9.71 -23.50 1.53
N ALA B 268 -9.12 -22.31 1.62
CA ALA B 268 -7.96 -21.93 0.85
C ALA B 268 -7.12 -20.96 1.67
N PHE B 269 -5.80 -21.18 1.70
CA PHE B 269 -4.86 -20.17 2.20
C PHE B 269 -4.26 -19.42 1.02
N ILE B 270 -4.17 -18.10 1.15
CA ILE B 270 -3.43 -17.29 0.17
C ILE B 270 -2.44 -16.46 0.96
N HIS B 271 -1.14 -16.65 0.69
CA HIS B 271 -0.05 -16.00 1.48
C HIS B 271 1.29 -15.93 0.75
N GLY B 272 1.67 -14.73 0.31
CA GLY B 272 2.99 -14.50 -0.30
C GLY B 272 2.80 -14.52 -1.79
N GLY B 273 3.52 -13.70 -2.51
CA GLY B 273 3.24 -13.55 -3.90
C GLY B 273 4.35 -13.72 -4.90
N PRO B 274 5.56 -14.10 -4.46
CA PRO B 274 6.70 -13.92 -5.38
C PRO B 274 6.55 -14.65 -6.70
N PHE B 275 6.94 -14.00 -7.81
CA PHE B 275 6.97 -14.63 -9.15
C PHE B 275 8.05 -15.71 -9.27
N ALA B 276 7.92 -16.60 -10.26
CA ALA B 276 8.88 -17.70 -10.45
C ALA B 276 10.00 -17.45 -11.48
N ASN B 277 9.77 -16.53 -12.38
CA ASN B 277 10.83 -16.04 -13.28
C ASN B 277 11.92 -15.14 -12.64
N ILE B 278 11.60 -14.46 -11.55
CA ILE B 278 12.36 -13.29 -11.04
C ILE B 278 12.63 -13.44 -9.54
N ALA B 279 11.96 -14.39 -8.92
CA ALA B 279 12.03 -14.59 -7.50
C ALA B 279 11.72 -16.06 -7.30
N HIS B 280 11.40 -16.48 -6.09
CA HIS B 280 11.43 -17.91 -5.81
C HIS B 280 10.08 -18.67 -6.00
N GLY B 281 9.02 -17.94 -6.35
CA GLY B 281 7.84 -18.57 -6.99
C GLY B 281 6.89 -19.46 -6.19
N CYS B 282 7.04 -19.47 -4.85
CA CYS B 282 6.19 -20.26 -3.95
C CYS B 282 5.41 -19.39 -2.93
N ASN B 283 4.32 -19.94 -2.36
CA ASN B 283 3.62 -19.26 -1.28
C ASN B 283 4.40 -19.45 0.00
N SER B 284 3.94 -18.86 1.11
CA SER B 284 4.72 -18.92 2.31
C SER B 284 4.82 -20.31 2.88
N ILE B 285 5.92 -20.55 3.58
CA ILE B 285 6.10 -21.73 4.35
C ILE B 285 5.06 -21.81 5.44
N ILE B 286 4.80 -20.65 6.03
CA ILE B 286 3.86 -20.51 7.12
C ILE B 286 2.50 -21.08 6.74
N ALA B 287 2.05 -20.72 5.54
CA ALA B 287 0.75 -21.16 5.08
C ALA B 287 0.78 -22.64 4.76
N THR B 288 1.85 -23.09 4.11
CA THR B 288 1.93 -24.49 3.75
C THR B 288 2.01 -25.38 4.99
N LYS B 289 2.85 -25.04 5.96
CA LYS B 289 3.08 -25.93 7.07
C LYS B 289 1.86 -25.92 7.98
N THR B 290 1.23 -24.76 8.08
CA THR B 290 0.02 -24.68 8.86
C THR B 290 -1.05 -25.57 8.25
N ALA B 291 -1.21 -25.50 6.93
CA ALA B 291 -2.28 -26.20 6.25
C ALA B 291 -2.09 -27.70 6.35
N LEU B 292 -0.82 -28.12 6.43
CA LEU B 292 -0.53 -29.54 6.63
C LEU B 292 -1.05 -30.05 7.99
N LYS B 293 -1.11 -29.18 9.00
CA LYS B 293 -1.73 -29.56 10.25
C LYS B 293 -3.27 -29.61 10.15
N LEU B 294 -3.87 -28.82 9.28
CA LEU B 294 -5.32 -28.74 9.33
C LEU B 294 -6.03 -29.68 8.37
N ALA B 295 -5.27 -30.29 7.46
CA ALA B 295 -5.85 -31.04 6.37
C ALA B 295 -5.09 -32.34 6.12
N ASP B 296 -5.79 -33.31 5.56
CA ASP B 296 -5.17 -34.57 5.17
C ASP B 296 -4.49 -34.42 3.82
N TYR B 297 -4.88 -33.37 3.08
CA TYR B 297 -4.43 -33.15 1.73
C TYR B 297 -4.27 -31.66 1.48
N VAL B 298 -3.07 -31.28 1.04
CA VAL B 298 -2.72 -29.91 0.81
C VAL B 298 -2.15 -29.76 -0.59
N VAL B 299 -2.87 -28.99 -1.42
CA VAL B 299 -2.54 -28.74 -2.78
C VAL B 299 -1.88 -27.39 -2.85
N THR B 300 -0.71 -27.31 -3.46
CA THR B 300 -0.03 -26.05 -3.55
C THR B 300 0.67 -25.90 -4.88
N GLU B 301 0.77 -24.68 -5.38
CA GLU B 301 1.28 -24.38 -6.71
C GLU B 301 2.67 -23.72 -6.62
N ALA B 302 3.52 -23.94 -7.64
CA ALA B 302 4.72 -23.10 -7.84
C ALA B 302 4.69 -22.47 -9.23
N GLY B 303 5.23 -21.27 -9.34
CA GLY B 303 5.05 -20.47 -10.53
C GLY B 303 5.72 -20.95 -11.81
N PHE B 304 5.13 -20.53 -12.93
CA PHE B 304 5.57 -20.88 -14.28
C PHE B 304 5.87 -22.38 -14.39
N GLY B 305 6.70 -22.73 -15.37
CA GLY B 305 7.01 -24.11 -15.66
C GLY B 305 7.84 -24.74 -14.57
N ALA B 306 7.94 -26.05 -14.65
CA ALA B 306 8.61 -26.85 -13.65
C ALA B 306 10.09 -26.51 -13.54
N ASP B 307 10.69 -26.03 -14.65
CA ASP B 307 12.11 -25.61 -14.67
C ASP B 307 12.36 -24.44 -13.75
N LEU B 308 11.28 -23.75 -13.36
CA LEU B 308 11.39 -22.59 -12.53
C LEU B 308 10.75 -22.83 -11.17
N GLY B 309 9.43 -22.92 -11.10
CA GLY B 309 8.78 -23.04 -9.82
C GLY B 309 9.03 -24.40 -9.18
N ALA B 310 9.02 -25.48 -9.95
CA ALA B 310 9.18 -26.80 -9.31
C ALA B 310 10.56 -26.89 -8.72
N GLU B 311 11.59 -26.53 -9.49
CA GLU B 311 12.94 -26.70 -8.98
C GLU B 311 13.16 -25.88 -7.72
N LYS B 312 12.49 -24.73 -7.65
CA LYS B 312 12.66 -23.81 -6.53
C LYS B 312 11.86 -24.27 -5.30
N PHE B 313 10.65 -24.72 -5.53
CA PHE B 313 9.85 -25.31 -4.48
C PHE B 313 10.66 -26.45 -3.85
N TYR B 314 11.32 -27.24 -4.68
CA TYR B 314 12.07 -28.38 -4.20
C TYR B 314 13.39 -27.95 -3.51
N ASP B 315 14.23 -27.22 -4.24
CA ASP B 315 15.57 -26.87 -3.75
C ASP B 315 15.66 -25.69 -2.77
N VAL B 316 14.57 -24.96 -2.57
CA VAL B 316 14.61 -23.82 -1.65
C VAL B 316 13.56 -23.99 -0.58
N LYS B 317 12.30 -23.94 -0.96
CA LYS B 317 11.20 -24.07 0.01
C LYS B 317 11.27 -25.38 0.79
N CYS B 318 11.16 -26.50 0.08
CA CYS B 318 11.18 -27.81 0.73
C CYS B 318 12.45 -28.01 1.57
N ARG B 319 13.58 -27.58 1.01
CA ARG B 319 14.84 -27.63 1.74
C ARG B 319 14.78 -26.92 3.09
N TYR B 320 14.43 -25.63 3.10
CA TYR B 320 14.36 -24.85 4.34
C TYR B 320 13.18 -25.26 5.24
N ALA B 321 12.10 -25.80 4.67
CA ALA B 321 10.93 -26.15 5.48
C ALA B 321 11.01 -27.55 6.09
N GLY B 322 11.83 -28.42 5.50
CA GLY B 322 11.80 -29.84 5.83
C GLY B 322 10.57 -30.55 5.29
N PHE B 323 9.99 -30.06 4.20
CA PHE B 323 8.88 -30.78 3.55
C PHE B 323 9.44 -31.92 2.72
N LYS B 324 8.69 -33.00 2.62
CA LYS B 324 8.91 -34.04 1.63
C LYS B 324 7.60 -34.15 0.83
N PRO B 325 7.53 -33.56 -0.38
CA PRO B 325 6.40 -33.67 -1.28
C PRO B 325 6.00 -35.13 -1.62
N ASP B 326 4.69 -35.39 -1.65
CA ASP B 326 4.18 -36.72 -1.83
C ASP B 326 3.79 -37.00 -3.27
N ALA B 327 3.25 -36.00 -3.96
CA ALA B 327 2.98 -36.12 -5.40
C ALA B 327 3.13 -34.78 -6.09
N THR B 328 3.24 -34.81 -7.39
CA THR B 328 3.35 -33.59 -8.14
C THR B 328 2.48 -33.75 -9.36
N VAL B 329 1.67 -32.72 -9.65
CA VAL B 329 0.83 -32.66 -10.84
C VAL B 329 1.50 -31.73 -11.88
N ILE B 330 1.55 -32.13 -13.15
CA ILE B 330 2.15 -31.30 -14.19
C ILE B 330 1.04 -30.85 -15.13
N VAL B 331 0.71 -29.55 -15.14
CA VAL B 331 -0.37 -29.11 -16.02
C VAL B 331 0.14 -28.98 -17.42
N ALA B 332 -0.61 -29.54 -18.37
CA ALA B 332 -0.27 -29.46 -19.77
C ALA B 332 -1.49 -29.03 -20.55
N THR B 333 -1.26 -28.30 -21.64
CA THR B 333 -2.32 -27.97 -22.56
C THR B 333 -1.92 -28.22 -24.00
N VAL B 334 -2.94 -28.53 -24.80
CA VAL B 334 -2.80 -28.73 -26.22
C VAL B 334 -2.28 -27.49 -26.93
N ARG B 335 -2.82 -26.34 -26.60
CA ARG B 335 -2.45 -25.13 -27.33
C ARG B 335 -0.97 -24.81 -27.11
N ALA B 336 -0.52 -25.04 -25.89
CA ALA B 336 0.87 -24.80 -25.56
C ALA B 336 1.77 -25.82 -26.24
N LEU B 337 1.35 -27.08 -26.26
CA LEU B 337 2.23 -28.05 -26.85
C LEU B 337 2.37 -27.72 -28.33
N LYS B 338 1.26 -27.34 -28.96
CA LYS B 338 1.29 -26.93 -30.36
C LYS B 338 2.26 -25.78 -30.64
N MET B 339 2.11 -24.66 -29.92
CA MET B 339 3.11 -23.61 -29.96
C MET B 339 4.53 -24.19 -29.98
N HIS B 340 4.82 -25.08 -29.04
CA HIS B 340 6.17 -25.64 -28.92
C HIS B 340 6.57 -26.51 -30.11
N GLY B 341 5.55 -27.02 -30.82
CA GLY B 341 5.75 -27.74 -32.04
C GLY B 341 5.79 -26.85 -33.26
N GLY B 342 5.86 -25.53 -33.06
CA GLY B 342 6.07 -24.57 -34.16
C GLY B 342 4.86 -23.78 -34.66
N VAL B 343 3.72 -23.91 -34.01
CA VAL B 343 2.51 -23.24 -34.48
C VAL B 343 2.54 -21.84 -33.93
N PRO B 344 2.32 -20.84 -34.80
CA PRO B 344 2.38 -19.47 -34.30
C PRO B 344 1.27 -19.15 -33.32
N LYS B 345 1.50 -18.16 -32.46
CA LYS B 345 0.56 -17.77 -31.39
C LYS B 345 -0.86 -17.59 -31.94
N SER B 346 -0.96 -16.90 -33.07
CA SER B 346 -2.24 -16.60 -33.71
C SER B 346 -3.02 -17.83 -34.25
N ASP B 347 -2.35 -18.97 -34.43
CA ASP B 347 -2.96 -20.17 -35.05
C ASP B 347 -3.34 -21.31 -34.06
N LEU B 348 -3.34 -21.05 -32.76
CA LEU B 348 -3.46 -22.14 -31.78
C LEU B 348 -4.88 -22.63 -31.53
N ALA B 349 -5.87 -21.95 -32.10
CA ALA B 349 -7.23 -22.44 -32.06
C ALA B 349 -7.42 -23.57 -33.10
N THR B 350 -6.69 -23.50 -34.22
CA THR B 350 -6.87 -24.47 -35.30
C THR B 350 -6.23 -25.81 -34.97
N GLU B 351 -6.88 -26.88 -35.41
CA GLU B 351 -6.40 -28.23 -35.18
C GLU B 351 -5.07 -28.41 -35.88
N ASN B 352 -4.24 -29.26 -35.28
CA ASN B 352 -2.91 -29.58 -35.76
C ASN B 352 -2.34 -30.67 -34.86
N LEU B 353 -2.53 -31.91 -35.27
CA LEU B 353 -2.07 -33.05 -34.48
C LEU B 353 -0.57 -33.20 -34.55
N GLU B 354 0.00 -32.98 -35.73
CA GLU B 354 1.43 -33.22 -35.95
C GLU B 354 2.26 -32.26 -35.07
N ALA B 355 1.86 -30.99 -35.05
CA ALA B 355 2.47 -29.98 -34.18
C ALA B 355 2.37 -30.37 -32.71
N LEU B 356 1.28 -31.03 -32.32
CA LEU B 356 1.13 -31.49 -30.94
C LEU B 356 2.08 -32.63 -30.66
N ARG B 357 2.17 -33.59 -31.58
CA ARG B 357 3.19 -34.64 -31.44
C ARG B 357 4.59 -34.02 -31.26
N GLU B 358 4.92 -33.00 -32.06
CA GLU B 358 6.26 -32.44 -32.06
C GLU B 358 6.61 -31.71 -30.76
N GLY B 359 5.67 -30.88 -30.30
CA GLY B 359 5.83 -30.14 -29.05
C GLY B 359 5.84 -30.96 -27.77
N PHE B 360 5.39 -32.20 -27.83
CA PHE B 360 5.43 -33.10 -26.67
C PHE B 360 6.77 -33.12 -25.95
N ALA B 361 7.84 -32.98 -26.71
CA ALA B 361 9.19 -32.95 -26.17
C ALA B 361 9.33 -32.08 -24.92
N ASN B 362 8.64 -30.93 -24.93
CA ASN B 362 8.68 -29.98 -23.83
C ASN B 362 8.21 -30.59 -22.51
N LEU B 363 6.99 -31.12 -22.53
CA LEU B 363 6.39 -31.85 -21.43
C LEU B 363 7.22 -33.08 -21.02
N GLU B 364 7.77 -33.75 -22.03
CA GLU B 364 8.63 -34.91 -21.83
C GLU B 364 9.78 -34.54 -20.88
N LYS B 365 10.51 -33.48 -21.22
CA LYS B 365 11.61 -32.97 -20.38
C LYS B 365 11.14 -32.56 -18.97
N HIS B 366 10.02 -31.86 -18.89
CA HIS B 366 9.48 -31.51 -17.57
C HIS B 366 9.17 -32.80 -16.74
N ILE B 367 8.55 -33.81 -17.38
CA ILE B 367 8.35 -35.15 -16.79
C ILE B 367 9.66 -35.80 -16.31
N GLU B 368 10.70 -35.79 -17.14
CA GLU B 368 12.00 -36.27 -16.71
C GLU B 368 12.48 -35.52 -15.48
N ASN B 369 12.49 -34.19 -15.57
CA ASN B 369 13.02 -33.33 -14.53
C ASN B 369 12.35 -33.55 -13.18
N ILE B 370 11.04 -33.72 -13.17
CA ILE B 370 10.33 -34.04 -11.92
C ILE B 370 10.81 -35.39 -11.34
N GLY B 371 11.02 -36.38 -12.22
CA GLY B 371 11.60 -37.67 -11.84
C GLY B 371 12.93 -37.63 -11.09
N LYS B 372 13.73 -36.58 -11.33
CA LYS B 372 15.04 -36.44 -10.70
C LYS B 372 14.96 -35.96 -9.26
N PHE B 373 13.79 -35.51 -8.83
CA PHE B 373 13.59 -35.16 -7.42
C PHE B 373 12.94 -36.30 -6.66
N GLY B 374 12.48 -37.31 -7.39
CA GLY B 374 12.00 -38.54 -6.75
C GLY B 374 10.59 -38.48 -6.22
N VAL B 375 9.75 -37.65 -6.83
CA VAL B 375 8.37 -37.60 -6.42
C VAL B 375 7.55 -37.96 -7.64
N PRO B 376 6.55 -38.84 -7.44
CA PRO B 376 5.88 -39.36 -8.59
C PRO B 376 4.99 -38.29 -9.18
N ALA B 377 4.57 -38.50 -10.41
CA ALA B 377 3.91 -37.46 -11.20
C ALA B 377 2.62 -37.92 -11.89
N VAL B 378 1.71 -36.96 -12.06
CA VAL B 378 0.42 -37.13 -12.74
C VAL B 378 0.25 -35.94 -13.68
N VAL B 379 0.08 -36.20 -14.97
CA VAL B 379 -0.18 -35.12 -15.90
C VAL B 379 -1.67 -34.79 -15.83
N ALA B 380 -1.99 -33.51 -15.71
CA ALA B 380 -3.35 -33.02 -15.87
C ALA B 380 -3.42 -32.38 -17.21
N ILE B 381 -4.30 -32.89 -18.07
CA ILE B 381 -4.49 -32.20 -19.34
C ILE B 381 -5.69 -31.24 -19.22
N ASN B 382 -5.39 -29.94 -19.19
CA ASN B 382 -6.38 -28.92 -18.85
C ASN B 382 -7.02 -28.49 -20.12
N ALA B 383 -8.29 -28.85 -20.31
CA ALA B 383 -8.96 -28.77 -21.61
C ALA B 383 -9.58 -27.39 -21.88
N PHE B 384 -9.15 -26.79 -22.97
CA PHE B 384 -9.67 -25.50 -23.39
C PHE B 384 -10.83 -25.69 -24.39
N PRO B 385 -11.74 -24.68 -24.48
CA PRO B 385 -12.92 -24.75 -25.36
C PRO B 385 -12.59 -25.02 -26.83
N THR B 386 -11.41 -24.57 -27.26
CA THR B 386 -10.90 -24.85 -28.60
C THR B 386 -10.28 -26.26 -28.78
N ASP B 387 -10.10 -27.03 -27.71
CA ASP B 387 -9.49 -28.38 -27.82
C ASP B 387 -10.38 -29.32 -28.64
N THR B 388 -9.85 -29.88 -29.73
CA THR B 388 -10.57 -30.95 -30.45
C THR B 388 -10.56 -32.25 -29.63
N GLU B 389 -11.58 -33.07 -29.83
CA GLU B 389 -11.64 -34.41 -29.26
C GLU B 389 -10.41 -35.20 -29.72
N ALA B 390 -10.03 -35.05 -30.99
CA ALA B 390 -8.85 -35.73 -31.51
C ALA B 390 -7.58 -35.33 -30.78
N GLU B 391 -7.45 -34.04 -30.50
CA GLU B 391 -6.20 -33.54 -29.94
C GLU B 391 -6.03 -33.98 -28.48
N LEU B 392 -7.12 -33.93 -27.73
CA LEU B 392 -7.10 -34.38 -26.33
C LEU B 392 -6.78 -35.88 -26.23
N ASN B 393 -7.18 -36.67 -27.22
CA ASN B 393 -6.85 -38.07 -27.20
C ASN B 393 -5.38 -38.32 -27.56
N LEU B 394 -4.88 -37.57 -28.53
CA LEU B 394 -3.49 -37.75 -28.95
C LEU B 394 -2.58 -37.58 -27.75
N LEU B 395 -2.81 -36.52 -26.99
CA LEU B 395 -1.98 -36.18 -25.83
C LEU B 395 -2.00 -37.23 -24.75
N TYR B 396 -3.20 -37.68 -24.40
CA TYR B 396 -3.39 -38.68 -23.36
C TYR B 396 -2.60 -39.93 -23.73
N GLU B 397 -2.76 -40.36 -24.99
CA GLU B 397 -2.01 -41.48 -25.55
C GLU B 397 -0.50 -41.24 -25.45
N LEU B 398 -0.07 -40.04 -25.84
CA LEU B 398 1.35 -39.67 -25.75
C LEU B 398 1.88 -39.80 -24.31
N CYS B 399 1.06 -39.42 -23.34
CA CYS B 399 1.47 -39.39 -21.95
C CYS B 399 1.64 -40.75 -21.30
N ALA B 400 0.65 -41.61 -21.51
CA ALA B 400 0.69 -42.97 -20.96
C ALA B 400 1.79 -43.79 -21.63
N LYS B 401 2.02 -43.53 -22.92
CA LYS B 401 3.14 -44.16 -23.61
C LYS B 401 4.51 -43.64 -23.13
N ALA B 402 4.52 -42.66 -22.22
CA ALA B 402 5.76 -41.99 -21.81
C ALA B 402 6.54 -42.60 -20.65
N GLY B 403 5.95 -43.34 -19.71
CA GLY B 403 4.52 -43.45 -19.45
C GLY B 403 4.23 -42.81 -18.10
N ALA B 404 3.62 -41.63 -18.15
CA ALA B 404 3.22 -40.95 -16.95
C ALA B 404 1.74 -41.18 -16.76
N GLU B 405 1.28 -41.01 -15.54
CA GLU B 405 -0.14 -41.10 -15.29
C GLU B 405 -0.78 -39.83 -15.78
N VAL B 406 -1.96 -39.94 -16.38
CA VAL B 406 -2.62 -38.80 -16.99
C VAL B 406 -4.09 -38.75 -16.62
N ALA B 407 -4.67 -37.56 -16.70
CA ALA B 407 -6.10 -37.39 -16.61
C ALA B 407 -6.52 -36.12 -17.32
N LEU B 408 -7.60 -36.23 -18.05
CA LEU B 408 -8.25 -35.10 -18.62
C LEU B 408 -8.85 -34.31 -17.46
N SER B 409 -8.83 -32.97 -17.56
CA SER B 409 -9.47 -32.12 -16.55
C SER B 409 -10.39 -31.09 -17.20
N GLU B 410 -11.64 -31.04 -16.75
CA GLU B 410 -12.61 -30.07 -17.27
C GLU B 410 -13.07 -29.21 -16.12
N VAL B 411 -12.15 -29.04 -15.19
CA VAL B 411 -12.31 -28.27 -13.97
C VAL B 411 -12.74 -26.82 -14.23
N TRP B 412 -12.16 -26.21 -15.27
CA TRP B 412 -12.53 -24.85 -15.69
C TRP B 412 -14.02 -24.73 -16.04
N ALA B 413 -14.48 -25.60 -16.91
CA ALA B 413 -15.85 -25.54 -17.41
C ALA B 413 -16.82 -26.16 -16.44
N LYS B 414 -16.36 -27.10 -15.62
CA LYS B 414 -17.30 -27.87 -14.80
C LYS B 414 -17.11 -27.80 -13.28
N GLY B 415 -16.10 -27.10 -12.78
CA GLY B 415 -15.90 -27.14 -11.33
C GLY B 415 -15.30 -28.48 -10.90
N GLY B 416 -15.49 -28.84 -9.64
CA GLY B 416 -14.83 -30.01 -9.10
C GLY B 416 -15.24 -31.30 -9.79
N GLU B 417 -16.50 -31.35 -10.25
CA GLU B 417 -17.01 -32.50 -11.02
C GLU B 417 -16.08 -32.84 -12.19
N GLY B 418 -15.52 -31.81 -12.82
CA GLY B 418 -14.57 -31.96 -13.91
C GLY B 418 -13.19 -32.49 -13.56
N GLY B 419 -12.92 -32.68 -12.26
CA GLY B 419 -11.57 -33.07 -11.81
C GLY B 419 -11.52 -34.39 -11.07
N LEU B 420 -12.57 -35.19 -11.23
CA LEU B 420 -12.69 -36.47 -10.58
C LEU B 420 -11.64 -37.48 -11.03
N GLU B 421 -11.51 -37.68 -12.35
CA GLU B 421 -10.52 -38.63 -12.90
C GLU B 421 -9.13 -38.21 -12.44
N LEU B 422 -8.87 -36.90 -12.45
CA LEU B 422 -7.59 -36.38 -11.95
C LEU B 422 -7.43 -36.63 -10.47
N ALA B 423 -8.48 -36.36 -9.70
CA ALA B 423 -8.39 -36.47 -8.28
C ALA B 423 -8.14 -37.93 -7.92
N ARG B 424 -8.92 -38.81 -8.53
CA ARG B 424 -8.70 -40.27 -8.43
C ARG B 424 -7.24 -40.70 -8.65
N LYS B 425 -6.61 -40.25 -9.74
CA LYS B 425 -5.25 -40.66 -10.05
C LYS B 425 -4.26 -40.18 -9.00
N VAL B 426 -4.55 -39.03 -8.42
CA VAL B 426 -3.63 -38.45 -7.46
C VAL B 426 -3.72 -39.27 -6.18
N LEU B 427 -4.94 -39.51 -5.70
CA LEU B 427 -5.16 -40.44 -4.61
C LEU B 427 -4.49 -41.75 -4.93
N GLN B 428 -4.67 -42.20 -6.17
CA GLN B 428 -4.09 -43.46 -6.56
C GLN B 428 -2.56 -43.39 -6.45
N THR B 429 -1.93 -42.29 -6.83
CA THR B 429 -0.46 -42.17 -6.65
C THR B 429 -0.04 -42.12 -5.16
N LEU B 430 -0.77 -41.39 -4.34
CA LEU B 430 -0.44 -41.28 -2.90
C LEU B 430 -0.60 -42.58 -2.14
N GLU B 431 -1.45 -43.47 -2.63
CA GLU B 431 -1.78 -44.72 -1.91
C GLU B 431 -0.83 -45.87 -2.26
N SER B 432 -0.32 -45.88 -3.49
CA SER B 432 0.54 -46.97 -3.96
C SER B 432 2.01 -46.58 -4.15
N ARG B 433 2.27 -45.48 -4.87
CA ARG B 433 3.62 -45.01 -5.25
C ARG B 433 4.12 -43.89 -4.34
N PRO B 434 4.65 -44.25 -3.16
CA PRO B 434 5.16 -43.20 -2.30
C PRO B 434 6.41 -42.54 -2.83
N SER B 435 6.69 -41.33 -2.36
CA SER B 435 7.78 -40.55 -2.89
C SER B 435 9.08 -40.79 -2.12
N ASN B 436 10.18 -40.45 -2.77
CA ASN B 436 11.48 -40.55 -2.17
C ASN B 436 12.21 -39.23 -2.43
N PHE B 437 11.59 -38.12 -2.02
CA PHE B 437 12.11 -36.78 -2.32
C PHE B 437 13.56 -36.66 -2.00
N HIS B 438 14.31 -36.06 -2.94
CA HIS B 438 15.62 -35.53 -2.63
C HIS B 438 15.94 -34.28 -3.45
N VAL B 439 16.78 -33.43 -2.89
CA VAL B 439 17.11 -32.17 -3.52
C VAL B 439 18.09 -32.42 -4.70
N LEU B 440 18.23 -31.44 -5.57
CA LEU B 440 19.02 -31.63 -6.76
C LEU B 440 20.49 -31.45 -6.44
N TYR B 441 20.78 -30.57 -5.48
CA TYR B 441 22.17 -30.28 -5.14
C TYR B 441 22.31 -30.01 -3.67
N ASN B 442 23.55 -30.04 -3.23
CA ASN B 442 23.96 -29.84 -1.87
C ASN B 442 24.48 -28.39 -1.72
N LEU B 443 24.34 -27.82 -0.55
CA LEU B 443 24.80 -26.47 -0.29
C LEU B 443 26.35 -26.31 -0.29
N ASP B 444 27.09 -27.34 0.15
CA ASP B 444 28.58 -27.34 0.10
C ASP B 444 29.23 -26.93 -1.22
N LEU B 445 28.58 -27.17 -2.33
CA LEU B 445 29.11 -26.72 -3.62
C LEU B 445 29.43 -25.21 -3.64
N SER B 446 30.11 -24.79 -4.69
CA SER B 446 30.31 -23.37 -4.97
C SER B 446 29.09 -22.76 -5.71
N ILE B 447 28.98 -21.46 -5.66
CA ILE B 447 27.92 -20.83 -6.41
C ILE B 447 27.92 -21.36 -7.85
N LYS B 448 29.02 -21.17 -8.58
CA LYS B 448 29.04 -21.58 -10.00
C LYS B 448 28.63 -23.05 -10.26
N ASP B 449 29.04 -23.96 -9.38
CA ASP B 449 28.62 -25.37 -9.45
C ASP B 449 27.10 -25.58 -9.32
N LYS B 450 26.48 -24.82 -8.42
CA LYS B 450 25.04 -24.92 -8.25
C LYS B 450 24.32 -24.34 -9.45
N ILE B 451 24.81 -23.21 -9.97
CA ILE B 451 24.26 -22.66 -11.21
C ILE B 451 24.32 -23.74 -12.32
N ALA B 452 25.47 -24.40 -12.41
CA ALA B 452 25.71 -25.37 -13.45
C ALA B 452 24.91 -26.69 -13.29
N LYS B 453 24.62 -27.12 -12.07
CA LYS B 453 23.75 -28.29 -11.86
C LYS B 453 22.41 -27.94 -12.44
N ILE B 454 21.86 -26.83 -11.99
CA ILE B 454 20.52 -26.44 -12.39
C ILE B 454 20.47 -26.23 -13.91
N ALA B 455 21.42 -25.48 -14.46
CA ALA B 455 21.44 -25.23 -15.91
C ALA B 455 21.53 -26.54 -16.72
N THR B 456 22.41 -27.44 -16.30
CA THR B 456 22.70 -28.67 -17.02
C THR B 456 21.59 -29.70 -16.87
N GLU B 457 21.34 -30.04 -15.61
CA GLU B 457 20.41 -31.10 -15.27
C GLU B 457 18.94 -30.73 -15.61
N ILE B 458 18.56 -29.46 -15.43
CA ILE B 458 17.14 -29.08 -15.57
C ILE B 458 16.88 -28.38 -16.88
N TYR B 459 17.60 -27.30 -17.16
CA TYR B 459 17.34 -26.53 -18.38
C TYR B 459 17.78 -27.28 -19.62
N GLY B 460 18.90 -28.02 -19.52
CA GLY B 460 19.52 -28.73 -20.67
C GLY B 460 20.59 -27.90 -21.39
N ALA B 461 21.16 -26.90 -20.72
CA ALA B 461 22.24 -26.10 -21.28
C ALA B 461 23.50 -26.90 -21.27
N ASP B 462 24.41 -26.61 -22.19
CA ASP B 462 25.73 -27.28 -22.24
C ASP B 462 26.64 -26.71 -21.17
N GLY B 463 26.41 -25.46 -20.81
CA GLY B 463 27.24 -24.79 -19.80
C GLY B 463 26.72 -23.40 -19.53
N VAL B 464 27.53 -22.64 -18.79
CA VAL B 464 27.14 -21.30 -18.34
C VAL B 464 28.25 -20.31 -18.54
N ASN B 465 27.89 -19.12 -19.01
CA ASN B 465 28.82 -18.01 -19.17
C ASN B 465 28.49 -16.88 -18.22
N TYR B 466 29.54 -16.18 -17.81
CA TYR B 466 29.41 -15.07 -16.87
C TYR B 466 30.04 -13.82 -17.44
N THR B 467 29.28 -12.73 -17.42
CA THR B 467 29.83 -11.43 -17.70
C THR B 467 30.73 -11.06 -16.53
N ALA B 468 31.69 -10.21 -16.83
CA ALA B 468 32.68 -9.78 -15.86
C ALA B 468 32.03 -9.33 -14.55
N GLU B 469 30.95 -8.56 -14.64
CA GLU B 469 30.18 -8.06 -13.45
C GLU B 469 29.69 -9.23 -12.59
N ALA B 470 29.19 -10.28 -13.24
CA ALA B 470 28.75 -11.51 -12.56
C ALA B 470 29.88 -12.25 -11.85
N ASP B 471 31.02 -12.35 -12.52
CA ASP B 471 32.24 -12.89 -11.93
C ASP B 471 32.61 -12.14 -10.66
N LYS B 472 32.76 -10.81 -10.75
CA LYS B 472 33.07 -9.96 -9.58
C LYS B 472 32.13 -10.28 -8.42
N ALA B 473 30.84 -10.17 -8.69
CA ALA B 473 29.81 -10.42 -7.67
C ALA B 473 29.95 -11.78 -7.03
N ILE B 474 30.13 -12.83 -7.81
CA ILE B 474 30.23 -14.17 -7.24
C ILE B 474 31.46 -14.25 -6.35
N GLN B 475 32.58 -13.71 -6.83
CA GLN B 475 33.78 -13.66 -6.01
C GLN B 475 33.51 -12.89 -4.73
N ARG B 476 32.87 -11.74 -4.83
CA ARG B 476 32.62 -10.91 -3.64
C ARG B 476 31.85 -11.70 -2.56
N TYR B 477 30.83 -12.44 -2.98
CA TYR B 477 29.97 -13.22 -2.08
C TYR B 477 30.65 -14.45 -1.45
N GLU B 478 31.49 -15.13 -2.24
CA GLU B 478 32.32 -16.22 -1.71
C GLU B 478 33.27 -15.63 -0.68
N SER B 479 33.95 -14.56 -1.08
CA SER B 479 34.86 -13.88 -0.15
C SER B 479 34.23 -13.54 1.20
N LEU B 480 32.99 -13.05 1.17
CA LEU B 480 32.24 -12.60 2.37
C LEU B 480 31.57 -13.72 3.23
N GLY B 481 31.63 -14.96 2.79
CA GLY B 481 31.02 -16.07 3.53
C GLY B 481 29.67 -16.60 3.06
N TYR B 482 29.16 -16.14 1.94
CA TYR B 482 27.84 -16.55 1.49
C TYR B 482 27.88 -17.62 0.37
N GLY B 483 29.04 -18.24 0.15
CA GLY B 483 29.16 -19.34 -0.82
C GLY B 483 28.18 -20.50 -0.68
N ASN B 484 27.78 -20.79 0.55
CA ASN B 484 26.91 -21.94 0.88
C ASN B 484 25.44 -21.70 0.69
N LEU B 485 25.05 -20.52 0.23
CA LEU B 485 23.62 -20.27 0.03
C LEU B 485 23.03 -21.10 -1.14
N PRO B 486 21.74 -21.44 -1.10
CA PRO B 486 21.11 -22.00 -2.29
C PRO B 486 20.88 -20.93 -3.33
N VAL B 487 20.57 -21.35 -4.55
CA VAL B 487 20.41 -20.46 -5.71
C VAL B 487 18.97 -20.37 -6.20
N VAL B 488 18.53 -19.13 -6.44
CA VAL B 488 17.25 -18.85 -7.03
C VAL B 488 17.51 -18.12 -8.35
N MET B 489 17.56 -18.90 -9.42
CA MET B 489 17.76 -18.43 -10.79
C MET B 489 16.66 -17.50 -11.26
N ALA B 490 17.05 -16.33 -11.79
CA ALA B 490 16.12 -15.50 -12.55
C ALA B 490 16.31 -15.73 -14.03
N LYS B 491 15.20 -15.98 -14.74
CA LYS B 491 15.24 -16.51 -16.11
C LYS B 491 13.87 -16.56 -16.76
N THR B 492 13.81 -16.40 -18.07
CA THR B 492 12.53 -16.31 -18.74
C THR B 492 11.72 -17.58 -18.55
N GLN B 493 10.45 -17.41 -18.24
CA GLN B 493 9.47 -18.49 -18.27
C GLN B 493 9.15 -19.12 -19.65
N TYR B 494 9.50 -18.47 -20.75
CA TYR B 494 9.04 -18.95 -22.07
C TYR B 494 9.89 -20.04 -22.74
N SER B 495 10.99 -20.42 -22.09
CA SER B 495 11.92 -21.40 -22.62
C SER B 495 12.69 -22.06 -21.49
N PHE B 496 13.15 -23.28 -21.75
CA PHE B 496 14.09 -23.90 -20.85
C PHE B 496 15.39 -23.08 -20.81
N SER B 497 15.76 -22.49 -21.96
CA SER B 497 16.99 -21.68 -22.08
C SER B 497 16.77 -20.32 -21.49
N ASP B 498 17.80 -19.47 -21.52
CA ASP B 498 17.62 -18.08 -21.11
C ASP B 498 17.18 -17.23 -22.28
N ASP B 499 16.76 -17.88 -23.37
CA ASP B 499 16.29 -17.20 -24.57
C ASP B 499 14.81 -17.49 -24.89
N MET B 500 14.00 -16.45 -24.81
CA MET B 500 12.53 -16.59 -24.82
C MET B 500 11.93 -17.05 -26.14
N THR B 501 12.74 -17.10 -27.19
CA THR B 501 12.31 -17.59 -28.50
C THR B 501 12.71 -19.07 -28.76
N LYS B 502 13.56 -19.66 -27.90
CA LYS B 502 13.96 -21.08 -28.03
C LYS B 502 12.88 -21.99 -27.46
N LEU B 503 11.99 -22.42 -28.31
CA LEU B 503 10.81 -23.18 -27.87
C LEU B 503 11.13 -24.68 -27.90
N GLY B 504 10.13 -25.50 -27.59
CA GLY B 504 10.29 -26.95 -27.52
C GLY B 504 11.31 -27.37 -26.47
N ARG B 505 12.21 -28.25 -26.86
CA ARG B 505 13.27 -28.72 -25.98
C ARG B 505 14.61 -28.37 -26.60
N PRO B 506 15.05 -27.12 -26.38
CA PRO B 506 16.23 -26.66 -27.09
C PRO B 506 17.45 -27.43 -26.61
N ARG B 507 18.37 -27.64 -27.55
CA ARG B 507 19.60 -28.35 -27.32
C ARG B 507 20.78 -27.45 -27.68
N ASN B 508 21.95 -27.80 -27.15
CA ASN B 508 23.18 -27.17 -27.57
C ASN B 508 23.03 -25.64 -27.46
N PHE B 509 22.77 -25.21 -26.23
CA PHE B 509 22.70 -23.80 -25.88
C PHE B 509 23.44 -23.59 -24.56
N THR B 510 23.71 -22.31 -24.25
CA THR B 510 24.41 -21.93 -23.06
C THR B 510 23.62 -20.82 -22.32
N ILE B 511 23.59 -20.88 -21.00
CA ILE B 511 22.99 -19.80 -20.20
C ILE B 511 24.09 -18.78 -19.98
N THR B 512 23.75 -17.49 -20.11
CA THR B 512 24.65 -16.46 -19.60
C THR B 512 24.05 -15.60 -18.47
N VAL B 513 24.70 -15.66 -17.32
CA VAL B 513 24.36 -14.83 -16.19
C VAL B 513 25.13 -13.52 -16.28
N ARG B 514 24.38 -12.43 -16.27
CA ARG B 514 24.91 -11.10 -16.44
C ARG B 514 24.95 -10.26 -15.14
N GLU B 515 24.39 -10.80 -14.07
CA GLU B 515 24.23 -10.04 -12.85
C GLU B 515 23.93 -11.02 -11.73
N VAL B 516 24.53 -10.79 -10.56
CA VAL B 516 24.23 -11.67 -9.45
C VAL B 516 23.89 -10.89 -8.21
N ARG B 517 22.70 -11.14 -7.70
CA ARG B 517 22.30 -10.53 -6.45
C ARG B 517 22.45 -11.48 -5.27
N LEU B 518 22.64 -10.89 -4.11
CA LEU B 518 22.74 -11.57 -2.83
C LEU B 518 21.51 -11.24 -1.97
N SER B 519 20.69 -12.24 -1.66
CA SER B 519 19.64 -12.02 -0.69
C SER B 519 20.02 -12.65 0.63
N ALA B 520 20.75 -11.89 1.44
CA ALA B 520 21.35 -12.42 2.66
C ALA B 520 20.33 -12.68 3.76
N GLY B 521 19.21 -11.97 3.68
CA GLY B 521 18.12 -12.10 4.66
C GLY B 521 17.11 -13.20 4.33
N ALA B 522 16.78 -13.38 3.04
CA ALA B 522 15.95 -14.52 2.61
C ALA B 522 16.79 -15.78 2.62
N GLY B 523 18.05 -15.61 2.27
CA GLY B 523 19.02 -16.69 2.37
C GLY B 523 19.20 -17.42 1.07
N PHE B 524 19.39 -16.67 0.00
CA PHE B 524 19.75 -17.27 -1.27
C PHE B 524 20.41 -16.26 -2.19
N ILE B 525 20.81 -16.74 -3.36
CA ILE B 525 21.51 -15.97 -4.34
C ILE B 525 20.73 -16.02 -5.66
N VAL B 526 20.65 -14.86 -6.34
CA VAL B 526 19.88 -14.73 -7.59
C VAL B 526 20.74 -14.36 -8.80
N PRO B 527 21.13 -15.37 -9.58
CA PRO B 527 21.74 -15.14 -10.88
C PRO B 527 20.68 -14.71 -11.90
N ILE B 528 20.91 -13.57 -12.54
CA ILE B 528 20.01 -13.06 -13.53
C ILE B 528 20.60 -13.42 -14.85
N THR B 529 19.81 -14.12 -15.69
CA THR B 529 20.22 -14.70 -16.98
C THR B 529 19.51 -14.07 -18.17
N GLY B 530 20.03 -14.30 -19.35
CA GLY B 530 19.60 -13.56 -20.54
C GLY B 530 19.29 -12.08 -20.35
N ALA B 531 18.05 -11.72 -20.68
CA ALA B 531 17.61 -10.34 -20.82
C ALA B 531 16.46 -9.98 -19.87
N ILE B 532 16.22 -10.86 -18.90
CA ILE B 532 15.01 -10.75 -18.15
C ILE B 532 15.10 -9.59 -17.19
N MET B 533 14.03 -8.83 -17.11
CA MET B 533 13.97 -7.67 -16.21
C MET B 533 13.22 -8.04 -14.92
N THR B 534 13.54 -7.31 -13.86
CA THR B 534 12.91 -7.53 -12.57
C THR B 534 11.75 -6.55 -12.30
N MET B 535 11.45 -5.70 -13.27
CA MET B 535 10.22 -4.86 -13.32
C MET B 535 9.58 -5.06 -14.70
N PRO B 536 8.35 -5.57 -14.73
CA PRO B 536 7.79 -5.76 -16.05
C PRO B 536 7.13 -4.49 -16.57
N GLY B 537 6.72 -4.52 -17.84
CA GLY B 537 6.10 -3.41 -18.49
C GLY B 537 4.68 -3.68 -18.84
N LEU B 538 4.00 -2.60 -19.21
CA LEU B 538 2.60 -2.60 -19.64
C LEU B 538 2.57 -2.70 -21.18
N PRO B 539 1.53 -3.36 -21.73
CA PRO B 539 1.44 -3.60 -23.17
C PRO B 539 0.77 -2.46 -23.89
N LYS B 540 0.79 -2.52 -25.22
CA LYS B 540 0.02 -1.61 -26.09
C LYS B 540 -1.36 -1.21 -25.51
N ARG B 541 -2.25 -2.21 -25.33
CA ARG B 541 -3.58 -1.99 -24.75
C ARG B 541 -3.70 -2.71 -23.39
N PRO B 542 -3.42 -1.99 -22.30
CA PRO B 542 -3.48 -2.62 -20.97
C PRO B 542 -4.89 -2.97 -20.56
N ALA B 543 -5.05 -4.04 -19.80
CA ALA B 543 -6.38 -4.42 -19.33
C ALA B 543 -7.00 -3.29 -18.47
N ALA B 544 -6.16 -2.45 -17.87
CA ALA B 544 -6.64 -1.25 -17.19
C ALA B 544 -7.60 -0.44 -18.05
N CYS B 545 -7.36 -0.36 -19.35
CA CYS B 545 -8.23 0.45 -20.20
C CYS B 545 -9.66 -0.09 -20.26
N ASN B 546 -9.86 -1.37 -19.94
CA ASN B 546 -11.18 -1.97 -20.04
C ASN B 546 -11.75 -2.32 -18.71
N ILE B 547 -11.11 -1.85 -17.65
CA ILE B 547 -11.60 -2.14 -16.33
C ILE B 547 -12.52 -1.02 -15.85
N ASP B 548 -13.60 -1.40 -15.15
CA ASP B 548 -14.59 -0.46 -14.63
C ASP B 548 -15.46 -1.07 -13.48
N ILE B 549 -16.09 -0.18 -12.73
CA ILE B 549 -17.05 -0.56 -11.69
C ILE B 549 -18.24 0.43 -11.70
N ASP B 550 -19.49 -0.04 -11.74
CA ASP B 550 -20.67 0.90 -11.71
C ASP B 550 -21.14 1.06 -10.27
N ALA B 551 -22.36 1.53 -10.03
CA ALA B 551 -22.88 1.52 -8.64
C ALA B 551 -22.88 0.12 -7.94
N ASP B 552 -22.14 -0.87 -8.46
CA ASP B 552 -21.83 -2.16 -7.76
C ASP B 552 -20.91 -3.18 -8.53
N GLY B 553 -21.22 -3.43 -9.80
CA GLY B 553 -20.61 -4.51 -10.58
C GLY B 553 -19.29 -4.18 -11.23
N VAL B 554 -18.35 -5.13 -11.15
CA VAL B 554 -16.97 -4.97 -11.67
C VAL B 554 -16.90 -5.52 -13.11
N ILE B 555 -16.12 -4.86 -13.99
CA ILE B 555 -16.02 -5.25 -15.43
C ILE B 555 -14.55 -5.53 -15.92
N THR B 556 -13.78 -6.27 -15.14
CA THR B 556 -12.61 -7.08 -15.60
C THR B 556 -11.69 -7.62 -14.50
N GLY B 557 -11.40 -8.91 -14.58
CA GLY B 557 -10.51 -9.53 -13.64
C GLY B 557 -9.55 -10.44 -14.37
N LEU B 558 -10.07 -11.07 -15.43
CA LEU B 558 -9.23 -11.86 -16.30
C LEU B 558 -8.59 -12.96 -15.44
S SO4 C . 14.28 18.62 4.42
O1 SO4 C . 14.68 18.37 2.99
O2 SO4 C . 14.71 17.45 5.22
O3 SO4 C . 14.92 19.88 4.87
O4 SO4 C . 12.80 18.76 4.60
PB ADP D . -1.84 18.54 16.52
O1B ADP D . -3.11 17.78 16.40
O2B ADP D . -2.15 20.05 16.51
O3B ADP D . -0.75 18.09 15.60
PA ADP D . -1.47 16.68 18.64
O1A ADP D . -2.85 16.47 19.21
O2A ADP D . -0.95 15.62 17.70
O3A ADP D . -1.30 18.20 18.04
O5' ADP D . -0.37 16.69 19.85
C5' ADP D . 1.00 16.94 19.58
C4' ADP D . 1.93 16.05 20.40
O4' ADP D . 2.05 16.43 21.78
C3' ADP D . 1.49 14.60 20.45
O3' ADP D . 2.65 13.79 20.66
C2' ADP D . 0.65 14.50 21.70
O2' ADP D . 0.59 13.13 22.17
C1' ADP D . 1.41 15.46 22.62
N9 ADP D . 0.56 16.28 23.47
C8 ADP D . -0.62 16.89 23.14
N7 ADP D . -1.13 17.61 24.19
C5 ADP D . -0.21 17.48 25.18
C6 ADP D . -0.07 17.98 26.55
N6 ADP D . -1.04 18.77 27.07
N1 ADP D . 1.03 17.63 27.25
C2 ADP D . 2.01 16.84 26.74
N3 ADP D . 1.94 16.32 25.48
C4 ADP D . 0.88 16.62 24.69
C XPO E . -1.13 18.59 9.65
O XPO E . -1.59 19.07 8.59
P XPO E . -1.30 18.58 12.39
O1 XPO E . -1.31 19.96 13.04
O2 XPO E . -1.90 18.77 10.89
O3 XPO E . 0.07 17.93 12.30
O4 XPO E . -2.32 17.60 12.82
O2' TOE F . 6.27 22.43 -13.21
CA' TOE F . 5.77 21.57 -14.25
CB' TOE F . 6.82 21.04 -15.22
OC' TOE F . 7.30 19.76 -14.75
CD' TOE F . 7.93 18.87 -15.69
CE' TOE F . 9.47 18.73 -15.58
OF' TOE F . 10.17 19.98 -15.62
CG' TOE F . 11.61 19.93 -15.42
CH' TOE F . 12.07 20.98 -14.40
OI' TOE F . 12.76 20.39 -13.28
CK' TOE F . 12.68 21.13 -12.03
MG MG G . -3.34 16.79 14.51
S SO4 H . 8.74 -4.75 -21.81
O1 SO4 H . 7.40 -4.38 -22.39
O2 SO4 H . 9.52 -5.58 -22.75
O3 SO4 H . 9.45 -3.45 -21.52
O4 SO4 H . 8.53 -5.67 -20.63
PB ADP I . -1.31 -20.36 -14.46
O1B ADP I . -1.55 -20.48 -12.97
O2B ADP I . -0.35 -21.47 -14.94
O3B ADP I . -1.10 -18.98 -14.97
PA ADP I . -4.08 -19.98 -14.76
O1A ADP I . -4.83 -20.88 -13.82
O2A ADP I . -3.70 -18.59 -14.29
O3A ADP I . -2.73 -20.74 -15.17
O5' ADP I . -4.87 -19.84 -16.14
C5' ADP I . -4.43 -18.80 -17.00
C4' ADP I . -5.58 -18.10 -17.69
O4' ADP I . -6.30 -19.02 -18.52
C3' ADP I . -6.58 -17.59 -16.69
O3' ADP I . -7.22 -16.47 -17.30
C2' ADP I . -7.53 -18.76 -16.51
O2' ADP I . -8.81 -18.42 -15.99
C1' ADP I . -7.59 -19.29 -17.94
N9 ADP I . -7.84 -20.74 -18.00
C8 ADP I . -7.30 -21.71 -17.22
N7 ADP I . -7.79 -22.91 -17.61
C5 ADP I . -8.64 -22.73 -18.64
C6 ADP I . -9.49 -23.57 -19.53
N6 ADP I . -9.51 -24.91 -19.34
N1 ADP I . -10.25 -22.96 -20.49
C2 ADP I . -10.24 -21.62 -20.66
N3 ADP I . -9.48 -20.80 -19.91
C4 ADP I . -8.69 -21.29 -18.90
C XPO J . 4.05 -16.35 -11.54
C XPO J . 1.77 -18.67 -15.88
O XPO J . 5.20 -16.25 -11.20
O XPO J . 1.98 -19.27 -16.90
P XPO J . 2.18 -17.94 -12.29
P XPO J . 1.90 -18.39 -13.31
O1 XPO J . 1.02 -18.29 -11.41
O1 XPO J . 3.15 -18.59 -12.46
O2 XPO J . 3.41 -17.63 -11.30
O2 XPO J . 2.18 -19.27 -14.63
O3 XPO J . 2.71 -19.10 -13.12
O3 XPO J . 0.65 -19.00 -12.76
O4 XPO J . 2.07 -16.56 -12.92
O4 XPO J . 1.68 -16.97 -13.82
O2' TOE K . 24.08 1.69 -13.65
CA' TOE K . 25.07 1.90 -12.63
CB' TOE K . 24.73 1.08 -11.39
OC' TOE K . 24.59 1.90 -10.24
CD' TOE K . 24.90 1.22 -9.01
CE' TOE K . 24.09 -0.05 -8.64
OF' TOE K . 25.01 -1.15 -8.34
CG' TOE K . 24.52 -2.51 -8.51
CH' TOE K . 25.05 -3.19 -9.78
OI' TOE K . 24.30 -4.34 -10.19
CK' TOE K . 24.44 -4.70 -11.58
OH5 1PE L . 26.95 13.44 -4.39
C15 1PE L . 26.80 14.82 -6.63
C25 1PE L . 26.68 14.70 -5.06
OH6 1PE L . 25.69 15.55 -7.29
C16 1PE L . 24.19 17.64 -7.86
C26 1PE L . 25.58 17.05 -7.44
OH7 1PE L . 23.09 18.05 -6.91
MG MG M . -0.86 -19.35 -11.28
#